data_3SVK
#
_entry.id   3SVK
#
_cell.length_a   54.310
_cell.length_b   98.330
_cell.length_c   151.400
_cell.angle_alpha   90.000
_cell.angle_beta   90.000
_cell.angle_gamma   90.000
#
_symmetry.space_group_name_H-M   'P 2 21 21'
#
loop_
_entity.id
_entity.type
_entity.pdbx_description
1 polymer 'Acetyl-CoA acetyltransferase'
2 non-polymer 'CHLORIDE ION'
3 water water
#
_entity_poly.entity_id   1
_entity_poly.type   'polypeptide(L)'
_entity_poly.pdbx_seq_one_letter_code
;GPGSMSEEAFIYEAIRTPRGKQKNGSLTEVKPLNLVVGLVDELRRRYPDLDETLISDMILGVVSPVGDQGGDIARTAVLA
AGLPETTGGVQLNRFCASGLEAVNTAAQKVRSGWDDLVLAGGVESMSRVPMGSDGGAWATDPETNYRIGFVPQGIGADLI
ATLEGFSREDVDAYALRSQQKAAAAWSGGYFAKSVVPVRDQNGLVILDHDEHMRPDTTMEGLAKLKTAFDGVGEMGGFDD
VALQKYHWVEKINHVHTGGNSSGIVDGAALVLVGSEKAGKSQGLTPRARIVATATSGSDPVIMLTGPTPATRKVLDRAGL
TIDDIDLFELNEAFASVVLKFQKDLNIPDEKLNVNGGAIAMGHPLGATGAMITGTMVDELERRNARRALITLCIGGGMGV
ATIIERV
;
_entity_poly.pdbx_strand_id   A,B
#
loop_
_chem_comp.id
_chem_comp.type
_chem_comp.name
_chem_comp.formula
CL non-polymer 'CHLORIDE ION' 'Cl -1'
#
# COMPACT_ATOMS: atom_id res chain seq x y z
N GLU A 7 7.75 15.29 -13.55
CA GLU A 7 6.29 15.38 -13.21
C GLU A 7 6.04 15.83 -11.77
N GLU A 8 5.40 16.99 -11.64
CA GLU A 8 5.11 17.52 -10.31
C GLU A 8 3.71 17.08 -9.84
N ALA A 9 3.57 16.83 -8.55
CA ALA A 9 2.26 16.51 -8.02
C ALA A 9 1.72 17.77 -7.35
N PHE A 10 0.52 18.18 -7.75
CA PHE A 10 -0.12 19.36 -7.17
C PHE A 10 -1.35 18.91 -6.41
N ILE A 11 -1.69 19.66 -5.37
CA ILE A 11 -2.96 19.51 -4.67
C ILE A 11 -3.90 20.50 -5.32
N TYR A 12 -5.03 20.03 -5.87
CA TYR A 12 -6.04 20.90 -6.49
C TYR A 12 -7.22 21.21 -5.55
N GLU A 13 -7.44 20.37 -4.55
CA GLU A 13 -8.49 20.61 -3.56
C GLU A 13 -8.23 19.71 -2.36
N ALA A 14 -8.70 20.14 -1.17
CA ALA A 14 -8.57 19.41 0.08
C ALA A 14 -9.72 19.76 1.00
N ILE A 15 -10.67 18.84 1.13
CA ILE A 15 -11.83 19.02 1.95
C ILE A 15 -11.96 17.96 3.01
N ARG A 16 -12.77 18.28 4.01
CA ARG A 16 -12.91 17.42 5.14
C ARG A 16 -14.24 17.61 5.81
N THR A 17 -14.63 16.58 6.54
CA THR A 17 -15.86 16.54 7.28
C THR A 17 -15.53 17.28 8.59
N PRO A 18 -16.52 17.87 9.25
CA PRO A 18 -16.28 18.12 10.64
C PRO A 18 -16.11 16.79 11.41
N ARG A 19 -15.57 16.90 12.61
CA ARG A 19 -15.23 15.74 13.40
C ARG A 19 -16.25 15.53 14.51
N GLY A 20 -16.84 14.33 14.51
CA GLY A 20 -17.88 13.92 15.49
C GLY A 20 -17.34 13.17 16.69
N LYS A 21 -17.86 13.47 17.85
CA LYS A 21 -17.52 12.72 19.06
C LYS A 21 -18.04 11.29 18.93
N GLN A 22 -17.26 10.30 19.36
CA GLN A 22 -17.64 8.88 19.22
C GLN A 22 -18.52 8.42 20.38
N LYS A 23 -19.40 7.46 20.10
CA LYS A 23 -20.41 7.01 21.04
C LYS A 23 -21.56 8.03 21.13
N ASN A 24 -21.40 9.16 21.84
CA ASN A 24 -22.51 10.12 22.07
C ASN A 24 -22.63 11.31 21.07
N GLY A 25 -22.02 11.20 19.91
CA GLY A 25 -21.90 12.38 19.03
C GLY A 25 -22.84 12.44 17.85
N SER A 26 -22.58 13.41 16.98
CA SER A 26 -23.50 13.75 15.92
C SER A 26 -23.39 12.89 14.68
N LEU A 27 -22.30 12.15 14.51
CA LEU A 27 -22.10 11.32 13.33
C LEU A 27 -22.19 9.83 13.67
N THR A 28 -22.62 9.52 14.89
CA THR A 28 -22.58 8.14 15.37
C THR A 28 -23.42 7.20 14.51
N GLU A 29 -24.48 7.71 13.90
CA GLU A 29 -25.27 6.89 12.99
C GLU A 29 -25.01 7.16 11.51
N VAL A 30 -24.01 7.96 11.18
CA VAL A 30 -23.64 8.16 9.79
C VAL A 30 -22.59 7.12 9.43
N LYS A 31 -22.91 6.26 8.48
CA LYS A 31 -22.05 5.19 8.02
C LYS A 31 -20.76 5.74 7.41
N PRO A 32 -19.61 5.10 7.67
CA PRO A 32 -18.38 5.68 7.13
C PRO A 32 -18.38 5.84 5.61
N LEU A 33 -19.02 4.91 4.91
CA LEU A 33 -19.17 5.02 3.46
C LEU A 33 -19.78 6.38 3.09
N ASN A 34 -20.89 6.73 3.72
CA ASN A 34 -21.57 8.01 3.45
C ASN A 34 -20.69 9.23 3.78
N LEU A 35 -19.89 9.17 4.82
CA LEU A 35 -18.99 10.28 5.08
C LEU A 35 -18.05 10.53 3.87
N VAL A 36 -17.56 9.46 3.26
CA VAL A 36 -16.68 9.61 2.10
C VAL A 36 -17.45 10.09 0.85
N VAL A 37 -18.53 9.39 0.52
CA VAL A 37 -19.36 9.79 -0.62
C VAL A 37 -19.78 11.29 -0.54
N GLY A 38 -20.20 11.77 0.63
CA GLY A 38 -20.50 13.20 0.78
C GLY A 38 -19.38 14.12 0.28
N LEU A 39 -18.14 13.79 0.63
CA LEU A 39 -17.03 14.61 0.17
C LEU A 39 -16.91 14.54 -1.37
N VAL A 40 -17.12 13.37 -1.96
CA VAL A 40 -17.08 13.26 -3.44
C VAL A 40 -18.19 14.15 -4.06
N ASP A 41 -19.39 14.06 -3.51
CA ASP A 41 -20.50 14.87 -4.02
C ASP A 41 -20.26 16.38 -3.85
N GLU A 42 -19.50 16.77 -2.82
CA GLU A 42 -19.08 18.16 -2.67
C GLU A 42 -18.01 18.58 -3.70
N LEU A 43 -17.05 17.71 -3.98
CA LEU A 43 -16.10 18.00 -5.06
C LEU A 43 -16.81 18.20 -6.42
N ARG A 44 -17.83 17.39 -6.68
CA ARG A 44 -18.63 17.53 -7.89
C ARG A 44 -19.35 18.86 -7.95
N ARG A 45 -19.93 19.30 -6.85
CA ARG A 45 -20.62 20.61 -6.86
C ARG A 45 -19.59 21.69 -7.24
N ARG A 46 -18.40 21.61 -6.66
CA ARG A 46 -17.32 22.58 -6.90
C ARG A 46 -16.72 22.53 -8.30
N TYR A 47 -16.61 21.34 -8.86
CA TYR A 47 -16.00 21.17 -10.18
C TYR A 47 -16.91 20.28 -11.04
N PRO A 48 -18.11 20.79 -11.37
CA PRO A 48 -19.14 19.99 -12.06
C PRO A 48 -18.75 19.50 -13.46
N ASP A 49 -17.80 20.17 -14.11
CA ASP A 49 -17.37 19.79 -15.48
C ASP A 49 -16.11 18.92 -15.48
N LEU A 50 -15.74 18.43 -14.29
CA LEU A 50 -14.58 17.55 -14.13
C LEU A 50 -14.83 16.16 -14.71
N ASP A 51 -13.85 15.68 -15.48
CA ASP A 51 -13.89 14.37 -16.13
C ASP A 51 -13.30 13.35 -15.19
N GLU A 52 -14.17 12.61 -14.52
CA GLU A 52 -13.76 11.66 -13.49
C GLU A 52 -13.00 10.47 -14.08
N THR A 53 -13.08 10.28 -15.39
CA THR A 53 -12.31 9.22 -16.02
C THR A 53 -10.80 9.39 -15.77
N LEU A 54 -10.35 10.61 -15.48
CA LEU A 54 -8.93 10.83 -15.14
C LEU A 54 -8.60 10.43 -13.70
N ILE A 55 -9.61 10.26 -12.86
CA ILE A 55 -9.39 9.81 -11.47
C ILE A 55 -9.16 8.30 -11.53
N SER A 56 -7.91 7.90 -11.36
CA SER A 56 -7.47 6.51 -11.47
C SER A 56 -7.69 5.71 -10.21
N ASP A 57 -7.59 6.35 -9.04
CA ASP A 57 -7.80 5.65 -7.76
C ASP A 57 -8.37 6.52 -6.66
N MET A 58 -9.08 5.86 -5.73
CA MET A 58 -9.40 6.45 -4.47
C MET A 58 -8.64 5.66 -3.43
N ILE A 59 -7.89 6.39 -2.63
CA ILE A 59 -6.99 5.80 -1.66
C ILE A 59 -7.49 6.25 -0.31
N LEU A 60 -7.87 5.30 0.54
CA LEU A 60 -8.41 5.59 1.86
C LEU A 60 -7.67 4.84 2.96
N GLY A 61 -7.15 5.58 3.91
CA GLY A 61 -6.62 5.03 5.15
C GLY A 61 -7.76 4.80 6.14
N VAL A 62 -7.69 3.67 6.82
CA VAL A 62 -8.65 3.31 7.86
C VAL A 62 -7.89 2.52 8.88
N VAL A 63 -8.11 2.82 10.14
CA VAL A 63 -7.57 2.02 11.24
C VAL A 63 -8.64 1.06 11.76
N ASP A 72 -13.56 -3.81 2.61
CA ASP A 72 -13.22 -3.41 1.24
C ASP A 72 -13.74 -2.00 0.94
N ILE A 73 -13.43 -1.06 1.83
CA ILE A 73 -14.07 0.26 1.88
C ILE A 73 -13.69 1.26 0.76
N ALA A 74 -12.48 1.18 0.26
CA ALA A 74 -12.08 2.05 -0.86
C ALA A 74 -12.78 1.57 -2.15
N ARG A 75 -12.85 0.27 -2.35
CA ARG A 75 -13.53 -0.26 -3.52
C ARG A 75 -15.05 0.01 -3.43
N THR A 76 -15.64 -0.19 -2.26
CA THR A 76 -17.07 0.07 -2.09
C THR A 76 -17.40 1.57 -2.25
N ALA A 77 -16.49 2.43 -1.82
CA ALA A 77 -16.65 3.87 -1.90
C ALA A 77 -16.73 4.35 -3.32
N VAL A 78 -15.82 3.85 -4.14
CA VAL A 78 -15.79 4.17 -5.54
C VAL A 78 -17.15 3.83 -6.19
N LEU A 79 -17.69 2.67 -5.83
CA LEU A 79 -18.96 2.17 -6.37
C LEU A 79 -20.19 2.96 -5.87
N ALA A 80 -20.23 3.23 -4.57
CA ALA A 80 -21.37 3.97 -3.98
C ALA A 80 -21.42 5.44 -4.47
N ALA A 81 -20.25 6.00 -4.74
CA ALA A 81 -20.12 7.35 -5.25
C ALA A 81 -20.47 7.45 -6.74
N GLY A 82 -20.63 6.32 -7.42
CA GLY A 82 -20.80 6.34 -8.86
C GLY A 82 -19.58 6.88 -9.62
N LEU A 83 -18.40 6.81 -9.00
CA LEU A 83 -17.16 7.08 -9.72
C LEU A 83 -17.03 6.05 -10.86
N PRO A 84 -16.17 6.32 -11.85
CA PRO A 84 -16.10 5.36 -12.96
C PRO A 84 -15.62 3.96 -12.58
N GLU A 85 -15.95 2.97 -13.41
CA GLU A 85 -15.51 1.59 -13.19
C GLU A 85 -13.99 1.48 -13.43
N THR A 86 -13.43 2.47 -14.12
CA THR A 86 -11.98 2.61 -14.33
C THR A 86 -11.21 3.13 -13.11
N THR A 87 -11.92 3.72 -12.15
CA THR A 87 -11.27 4.18 -10.93
C THR A 87 -11.15 2.96 -10.01
N GLY A 88 -9.94 2.64 -9.56
CA GLY A 88 -9.71 1.57 -8.56
C GLY A 88 -9.73 2.09 -7.12
N GLY A 89 -9.85 1.18 -6.17
CA GLY A 89 -9.77 1.51 -4.76
C GLY A 89 -8.53 0.94 -4.10
N VAL A 90 -7.88 1.74 -3.25
CA VAL A 90 -6.70 1.32 -2.52
C VAL A 90 -6.95 1.59 -1.05
N GLN A 91 -6.85 0.55 -0.23
CA GLN A 91 -7.13 0.63 1.20
C GLN A 91 -5.87 0.52 2.02
N LEU A 92 -5.58 1.51 2.86
CA LEU A 92 -4.38 1.51 3.68
C LEU A 92 -4.77 1.34 5.14
N ASN A 93 -4.50 0.15 5.68
CA ASN A 93 -5.05 -0.32 6.95
C ASN A 93 -4.06 -1.23 7.64
N ALA A 97 -2.27 -3.22 3.42
CA ALA A 97 -1.17 -2.37 2.99
C ALA A 97 -0.62 -1.44 4.10
N SER A 98 0.51 -1.87 4.68
CA SER A 98 1.15 -1.26 5.87
C SER A 98 2.44 -0.56 5.45
N GLY A 99 2.80 0.53 6.11
CA GLY A 99 3.99 1.32 5.73
C GLY A 99 3.74 2.39 4.65
N LEU A 100 2.48 2.58 4.28
CA LEU A 100 2.12 3.52 3.23
C LEU A 100 1.17 4.55 3.81
N GLU A 101 1.16 5.74 3.23
CA GLU A 101 0.24 6.76 3.66
C GLU A 101 -0.45 7.32 2.43
N ALA A 102 -1.73 7.70 2.59
CA ALA A 102 -2.59 8.03 1.48
C ALA A 102 -2.01 9.11 0.60
N VAL A 103 -1.68 10.25 1.19
CA VAL A 103 -1.29 11.42 0.41
C VAL A 103 0.05 11.22 -0.27
N ASN A 104 0.99 10.60 0.47
CA ASN A 104 2.33 10.20 0.01
C ASN A 104 2.22 9.20 -1.14
N THR A 105 1.37 8.18 -1.00
CA THR A 105 1.12 7.26 -2.11
C THR A 105 0.55 7.98 -3.33
N ALA A 106 -0.30 8.98 -3.12
CA ALA A 106 -0.96 9.65 -4.24
C ALA A 106 0.06 10.50 -5.00
N ALA A 107 0.92 11.17 -4.23
CA ALA A 107 1.94 12.01 -4.82
C ALA A 107 2.84 11.19 -5.71
N GLN A 108 3.25 10.04 -5.22
CA GLN A 108 4.21 9.23 -5.96
C GLN A 108 3.57 8.68 -7.23
N LYS A 109 2.29 8.29 -7.17
CA LYS A 109 1.59 7.84 -8.35
C LYS A 109 1.55 8.93 -9.42
N VAL A 110 1.24 10.15 -9.03
CA VAL A 110 1.16 11.25 -10.00
C VAL A 110 2.53 11.53 -10.57
N ARG A 111 3.50 11.65 -9.67
CA ARG A 111 4.88 11.89 -10.03
C ARG A 111 5.44 10.79 -10.92
N SER A 112 4.92 9.57 -10.74
CA SER A 112 5.34 8.45 -11.56
C SER A 112 4.96 8.71 -13.02
N GLY A 113 3.85 9.40 -13.26
CA GLY A 113 3.49 9.87 -14.59
C GLY A 113 2.35 9.13 -15.28
N TRP A 114 1.96 7.98 -14.75
CA TRP A 114 0.91 7.18 -15.37
C TRP A 114 -0.48 7.47 -14.83
N ASP A 115 -0.59 8.05 -13.62
CA ASP A 115 -1.90 8.46 -13.07
C ASP A 115 -2.07 9.98 -13.04
N ASP A 116 -3.25 10.43 -13.46
CA ASP A 116 -3.50 11.83 -13.76
C ASP A 116 -4.13 12.60 -12.58
N LEU A 117 -5.16 12.00 -11.98
CA LEU A 117 -5.80 12.53 -10.77
C LEU A 117 -5.99 11.37 -9.79
N VAL A 118 -5.80 11.66 -8.51
CA VAL A 118 -5.99 10.69 -7.47
C VAL A 118 -6.70 11.36 -6.28
N LEU A 119 -7.68 10.65 -5.73
CA LEU A 119 -8.33 11.00 -4.48
C LEU A 119 -7.64 10.22 -3.37
N ALA A 120 -7.16 10.94 -2.38
CA ALA A 120 -6.39 10.37 -1.29
C ALA A 120 -6.90 10.94 0.01
N GLY A 121 -7.18 10.08 0.96
CA GLY A 121 -7.64 10.57 2.24
C GLY A 121 -7.90 9.39 3.14
N GLY A 122 -9.00 9.46 3.88
CA GLY A 122 -9.35 8.39 4.81
C GLY A 122 -10.60 8.65 5.60
N VAL A 123 -10.94 7.70 6.47
CA VAL A 123 -12.20 7.76 7.18
C VAL A 123 -12.11 6.96 8.46
N GLU A 124 -12.78 7.51 9.48
CA GLU A 124 -12.93 6.85 10.74
C GLU A 124 -14.39 6.90 11.16
N SER A 125 -14.88 5.78 11.69
CA SER A 125 -16.20 5.73 12.30
C SER A 125 -16.27 4.55 13.26
N MET A 126 -16.73 4.79 14.47
CA MET A 126 -16.80 3.74 15.50
C MET A 126 -17.75 2.62 15.09
N TRP A 138 -7.95 -0.64 23.54
CA TRP A 138 -7.83 0.80 23.33
C TRP A 138 -7.74 1.57 24.66
N ALA A 139 -6.88 2.58 24.69
CA ALA A 139 -6.74 3.48 25.83
C ALA A 139 -7.93 4.45 25.89
N THR A 140 -8.52 4.57 27.08
CA THR A 140 -9.63 5.51 27.33
C THR A 140 -9.22 6.42 28.49
N ASP A 141 -9.87 7.58 28.61
CA ASP A 141 -9.66 8.44 29.79
C ASP A 141 -10.46 7.89 30.98
N PRO A 142 -9.93 8.06 32.21
CA PRO A 142 -10.49 7.37 33.40
C PRO A 142 -11.89 7.82 33.87
N GLU A 143 -12.31 9.04 33.54
CA GLU A 143 -13.58 9.57 34.03
C GLU A 143 -14.77 9.43 33.05
N THR A 144 -14.62 9.93 31.82
CA THR A 144 -15.73 9.94 30.84
C THR A 144 -15.79 8.67 29.97
N ASN A 145 -14.82 7.76 30.16
CA ASN A 145 -14.61 6.61 29.27
C ASN A 145 -14.84 6.92 27.79
N TYR A 146 -14.01 7.82 27.25
CA TYR A 146 -13.90 8.06 25.81
C TYR A 146 -12.76 7.11 25.31
N ARG A 147 -12.22 7.32 24.11
CA ARG A 147 -11.02 6.57 23.66
C ARG A 147 -9.93 7.56 23.18
N ILE A 148 -8.66 7.30 23.58
CA ILE A 148 -7.53 8.27 23.44
C ILE A 148 -6.01 7.82 23.36
N GLY A 149 -5.57 6.71 22.73
CA GLY A 149 -6.33 5.73 21.95
C GLY A 149 -5.78 4.30 22.05
N PHE A 150 -4.46 4.11 22.23
CA PHE A 150 -3.88 2.77 22.59
C PHE A 150 -3.05 2.85 23.88
N VAL A 151 -3.33 1.95 24.81
CA VAL A 151 -2.76 1.98 26.17
C VAL A 151 -1.21 2.10 26.26
N PRO A 152 -0.48 1.20 25.60
CA PRO A 152 0.97 1.32 25.63
C PRO A 152 1.48 2.57 24.92
N GLN A 153 0.76 3.06 23.92
CA GLN A 153 1.13 4.33 23.30
C GLN A 153 1.14 5.44 24.38
N GLY A 154 0.19 5.38 25.30
CA GLY A 154 0.08 6.38 26.36
C GLY A 154 1.17 6.25 27.40
N ILE A 155 1.62 5.03 27.63
CA ILE A 155 2.74 4.79 28.53
C ILE A 155 4.03 5.36 27.94
N GLY A 156 4.27 5.10 26.66
CA GLY A 156 5.39 5.70 25.97
C GLY A 156 5.41 7.21 26.03
N ALA A 157 4.23 7.82 25.97
CA ALA A 157 4.06 9.25 26.06
C ALA A 157 4.46 9.75 27.43
N ASP A 158 4.05 9.03 28.47
CA ASP A 158 4.49 9.33 29.80
C ASP A 158 6.00 9.12 29.92
N LEU A 159 6.52 8.09 29.27
CA LEU A 159 7.93 7.80 29.33
C LEU A 159 8.71 8.95 28.70
N ILE A 160 8.27 9.39 27.52
CA ILE A 160 8.92 10.51 26.85
C ILE A 160 8.95 11.73 27.78
N ALA A 161 7.82 12.01 28.43
CA ALA A 161 7.72 13.12 29.38
C ALA A 161 8.75 12.98 30.48
N THR A 162 9.01 11.75 30.92
CA THR A 162 9.95 11.52 32.02
C THR A 162 11.39 11.72 31.54
N LEU A 163 11.73 11.16 30.39
CA LEU A 163 13.11 11.27 29.86
C LEU A 163 13.49 12.73 29.55
N GLU A 164 12.57 13.44 28.89
CA GLU A 164 12.81 14.79 28.37
C GLU A 164 12.59 15.92 29.39
N GLY A 165 11.97 15.62 30.52
CA GLY A 165 11.73 16.63 31.55
C GLY A 165 10.56 17.54 31.23
N PHE A 166 9.50 16.97 30.66
CA PHE A 166 8.25 17.73 30.47
C PHE A 166 7.36 17.44 31.67
N SER A 167 6.98 18.48 32.40
CA SER A 167 6.10 18.36 33.56
C SER A 167 4.62 18.19 33.19
N ARG A 168 3.77 17.91 34.18
CA ARG A 168 2.33 17.94 33.96
C ARG A 168 1.91 19.32 33.45
N GLU A 169 2.48 20.36 34.02
CA GLU A 169 2.16 21.70 33.61
C GLU A 169 2.52 21.91 32.14
N ASP A 170 3.67 21.40 31.71
CA ASP A 170 4.09 21.48 30.28
C ASP A 170 3.06 20.83 29.32
N VAL A 171 2.59 19.64 29.65
CA VAL A 171 1.72 18.93 28.74
C VAL A 171 0.31 19.54 28.71
N ASP A 172 -0.13 20.02 29.86
CA ASP A 172 -1.37 20.76 29.95
C ASP A 172 -1.32 22.11 29.21
N ALA A 173 -0.27 22.90 29.37
CA ALA A 173 -0.17 24.16 28.67
C ALA A 173 -0.27 23.89 27.16
N TYR A 174 0.36 22.81 26.69
CA TYR A 174 0.26 22.42 25.27
C TYR A 174 -1.18 22.13 24.87
N ALA A 175 -1.93 21.44 25.74
CA ALA A 175 -3.32 21.11 25.44
C ALA A 175 -4.15 22.38 25.39
N LEU A 176 -3.95 23.23 26.38
CA LEU A 176 -4.63 24.53 26.43
C LEU A 176 -4.42 25.30 25.13
N ARG A 177 -3.18 25.37 24.65
CA ARG A 177 -2.89 26.15 23.43
C ARG A 177 -3.57 25.50 22.22
N SER A 178 -3.68 24.17 22.16
CA SER A 178 -4.45 23.54 21.08
C SER A 178 -5.91 24.04 21.05
N GLN A 179 -6.53 24.07 22.24
CA GLN A 179 -7.92 24.49 22.37
C GLN A 179 -8.04 25.94 21.97
N GLN A 180 -7.12 26.78 22.43
CA GLN A 180 -7.15 28.20 22.11
C GLN A 180 -6.98 28.50 20.62
N LYS A 181 -6.03 27.83 19.97
CA LYS A 181 -5.74 28.09 18.55
C LYS A 181 -6.82 27.53 17.63
N ALA A 182 -7.39 26.38 17.99
CA ALA A 182 -8.59 25.85 17.32
C ALA A 182 -9.79 26.76 17.48
N ALA A 183 -9.96 27.35 18.67
CA ALA A 183 -11.05 28.30 18.92
C ALA A 183 -10.89 29.54 18.03
N ALA A 184 -9.65 29.99 17.97
CA ALA A 184 -9.26 31.11 17.17
C ALA A 184 -9.57 30.86 15.69
N ALA A 185 -9.03 29.78 15.16
CA ALA A 185 -9.22 29.38 13.75
C ALA A 185 -10.69 29.24 13.36
N TRP A 186 -11.46 28.56 14.19
CA TRP A 186 -12.89 28.40 13.95
C TRP A 186 -13.62 29.75 14.01
N SER A 187 -13.49 30.49 15.10
CA SER A 187 -14.20 31.77 15.19
C SER A 187 -13.69 32.78 14.15
N GLY A 188 -12.41 32.71 13.80
CA GLY A 188 -11.84 33.56 12.76
C GLY A 188 -12.30 33.27 11.32
N GLY A 189 -12.99 32.15 11.12
CA GLY A 189 -13.49 31.73 9.80
C GLY A 189 -12.49 30.93 8.95
N TYR A 190 -11.44 30.39 9.56
CA TYR A 190 -10.29 29.87 8.78
C TYR A 190 -10.64 28.57 8.06
N PHE A 191 -11.64 27.86 8.57
CA PHE A 191 -11.95 26.50 8.16
C PHE A 191 -13.25 26.51 7.35
N ALA A 192 -13.74 27.69 7.06
CA ALA A 192 -15.01 27.84 6.34
C ALA A 192 -15.00 27.27 4.94
N LYS A 193 -13.87 27.29 4.24
CA LYS A 193 -13.85 26.81 2.85
C LYS A 193 -13.75 25.28 2.75
N SER A 194 -13.16 24.67 3.78
CA SER A 194 -12.75 23.28 3.72
C SER A 194 -13.57 22.31 4.59
N VAL A 195 -14.21 22.81 5.64
CA VAL A 195 -15.06 21.94 6.45
C VAL A 195 -16.45 21.90 5.88
N VAL A 196 -16.81 20.73 5.37
CA VAL A 196 -18.06 20.49 4.67
C VAL A 196 -19.10 19.80 5.56
N PRO A 197 -20.20 20.49 5.90
CA PRO A 197 -21.21 19.93 6.78
C PRO A 197 -21.80 18.58 6.35
N VAL A 198 -22.02 17.71 7.32
CA VAL A 198 -22.60 16.40 7.07
C VAL A 198 -24.12 16.57 7.22
N ARG A 199 -24.84 16.08 6.22
CA ARG A 199 -26.28 16.26 6.09
C ARG A 199 -26.97 14.91 6.02
N ASP A 200 -28.19 14.85 6.53
CA ASP A 200 -29.00 13.62 6.47
C ASP A 200 -29.65 13.39 5.08
N GLN A 201 -30.46 12.33 4.98
CA GLN A 201 -31.05 11.89 3.71
C GLN A 201 -32.13 12.81 3.19
N ASN A 202 -32.60 13.75 4.03
CA ASN A 202 -33.53 14.82 3.62
C ASN A 202 -32.86 16.20 3.56
N GLY A 203 -31.53 16.25 3.75
CA GLY A 203 -30.76 17.49 3.60
C GLY A 203 -30.56 18.33 4.85
N LEU A 204 -31.04 17.86 6.00
CA LEU A 204 -30.84 18.65 7.21
C LEU A 204 -29.42 18.44 7.68
N VAL A 205 -28.81 19.53 8.14
CA VAL A 205 -27.47 19.55 8.70
C VAL A 205 -27.40 18.74 9.97
N ILE A 206 -26.55 17.71 9.96
CA ILE A 206 -26.28 16.83 11.10
C ILE A 206 -25.13 17.32 11.99
N LEU A 207 -24.14 17.93 11.37
CA LEU A 207 -22.96 18.40 12.07
C LEU A 207 -22.26 19.39 11.18
N ASP A 208 -21.91 20.54 11.73
CA ASP A 208 -21.19 21.56 10.97
C ASP A 208 -19.98 22.10 11.68
N HIS A 209 -19.55 21.48 12.78
CA HIS A 209 -18.42 22.04 13.48
C HIS A 209 -17.70 20.93 14.25
N ASP A 210 -16.54 21.24 14.79
CA ASP A 210 -15.71 20.21 15.40
C ASP A 210 -16.13 20.09 16.87
N GLU A 211 -17.19 19.30 17.09
CA GLU A 211 -17.88 19.24 18.40
C GLU A 211 -17.07 18.66 19.54
N HIS A 212 -15.96 17.99 19.27
CA HIS A 212 -15.08 17.48 20.32
C HIS A 212 -14.31 18.60 21.02
N MET A 213 -14.22 19.77 20.39
CA MET A 213 -13.50 20.93 20.95
C MET A 213 -14.02 21.32 22.32
N ARG A 214 -13.11 21.74 23.20
CA ARG A 214 -13.49 22.22 24.50
C ARG A 214 -12.92 23.63 24.76
N PRO A 215 -13.54 24.66 24.17
CA PRO A 215 -12.95 26.00 24.19
C PRO A 215 -12.92 26.63 25.58
N ASP A 216 -13.79 26.14 26.45
CA ASP A 216 -13.80 26.53 27.85
C ASP A 216 -12.67 25.93 28.71
N THR A 217 -11.75 25.19 28.11
CA THR A 217 -10.65 24.55 28.85
C THR A 217 -9.74 25.54 29.59
N THR A 218 -9.35 25.23 30.83
CA THR A 218 -8.44 26.04 31.63
C THR A 218 -7.30 25.19 32.23
N MET A 219 -6.25 25.83 32.75
CA MET A 219 -5.17 25.07 33.39
C MET A 219 -5.72 24.46 34.66
N GLU A 220 -6.47 25.21 35.44
CA GLU A 220 -7.15 24.66 36.60
C GLU A 220 -8.00 23.43 36.23
N GLY A 221 -8.74 23.49 35.11
CA GLY A 221 -9.59 22.36 34.69
C GLY A 221 -8.77 21.13 34.32
N LEU A 222 -7.65 21.36 33.63
CA LEU A 222 -6.79 20.28 33.15
C LEU A 222 -6.03 19.60 34.28
N ALA A 223 -5.71 20.37 35.34
CA ALA A 223 -4.92 19.84 36.48
C ALA A 223 -5.74 18.93 37.39
N LYS A 224 -7.06 19.09 37.36
CA LYS A 224 -7.94 18.22 38.13
C LYS A 224 -8.06 16.84 37.47
N LEU A 225 -7.70 16.72 36.20
CA LEU A 225 -7.95 15.47 35.49
C LEU A 225 -7.04 14.34 35.99
N LYS A 226 -7.61 13.13 36.00
CA LYS A 226 -6.95 11.95 36.50
C LYS A 226 -6.03 11.41 35.40
N THR A 227 -4.86 10.94 35.78
CA THR A 227 -3.93 10.38 34.81
C THR A 227 -4.48 9.09 34.26
N ALA A 228 -4.25 8.82 32.99
CA ALA A 228 -4.92 7.72 32.31
C ALA A 228 -4.06 6.45 32.10
N PHE A 229 -2.75 6.53 32.30
CA PHE A 229 -1.89 5.38 32.00
C PHE A 229 -0.97 4.92 33.14
N ASP A 230 -1.43 4.97 34.39
CA ASP A 230 -0.62 4.48 35.51
C ASP A 230 -1.14 3.15 36.06
N GLN A 244 13.31 -1.21 31.51
CA GLN A 244 14.63 -1.84 31.53
C GLN A 244 15.48 -1.42 30.32
N LYS A 245 14.82 -0.84 29.32
CA LYS A 245 15.48 -0.12 28.23
C LYS A 245 16.14 1.13 28.78
N TYR A 246 15.37 1.82 29.63
CA TYR A 246 15.76 3.06 30.26
C TYR A 246 15.89 2.78 31.75
N HIS A 247 16.89 1.96 32.04
CA HIS A 247 17.14 1.43 33.37
C HIS A 247 17.50 2.50 34.41
N TRP A 248 17.84 3.69 33.96
CA TRP A 248 18.13 4.78 34.88
C TRP A 248 16.86 5.49 35.39
N VAL A 249 15.70 5.20 34.79
CA VAL A 249 14.40 5.75 35.23
C VAL A 249 13.79 4.89 36.35
N GLU A 250 13.61 5.48 37.53
CA GLU A 250 13.10 4.72 38.68
C GLU A 250 11.59 4.53 38.54
N LYS A 251 10.89 5.65 38.38
CA LYS A 251 9.45 5.64 38.17
C LYS A 251 9.11 6.60 37.02
N ILE A 252 8.14 6.21 36.21
CA ILE A 252 7.68 7.06 35.13
C ILE A 252 6.80 8.18 35.73
N ASN A 253 7.03 9.41 35.26
CA ASN A 253 6.21 10.56 35.67
C ASN A 253 4.96 10.59 34.77
N HIS A 254 3.87 9.99 35.26
CA HIS A 254 2.64 9.89 34.50
C HIS A 254 1.94 11.23 34.47
N VAL A 255 1.90 11.84 33.30
CA VAL A 255 1.36 13.19 33.12
C VAL A 255 0.22 13.27 32.11
N HIS A 256 0.00 12.21 31.32
CA HIS A 256 -1.07 12.25 30.31
C HIS A 256 -2.43 11.81 30.84
N THR A 257 -3.43 12.59 30.41
CA THR A 257 -4.81 12.49 30.81
C THR A 257 -5.69 12.55 29.56
N GLY A 258 -7.00 12.49 29.75
CA GLY A 258 -7.95 12.65 28.65
C GLY A 258 -8.04 14.06 28.08
N GLY A 259 -7.30 15.00 28.67
CA GLY A 259 -7.27 16.41 28.22
C GLY A 259 -6.02 16.86 27.47
N ASN A 260 -4.94 16.11 27.62
CA ASN A 260 -3.68 16.38 26.92
C ASN A 260 -3.22 15.21 26.03
N SER A 261 -4.06 14.17 25.90
CA SER A 261 -3.96 13.14 24.84
C SER A 261 -5.23 13.31 23.97
N SER A 262 -5.15 13.05 22.67
CA SER A 262 -6.28 13.35 21.77
C SER A 262 -7.30 12.25 21.76
N GLY A 263 -8.56 12.64 21.92
CA GLY A 263 -9.67 11.73 21.78
C GLY A 263 -9.89 11.35 20.32
N ILE A 264 -10.36 10.13 20.11
CA ILE A 264 -10.67 9.64 18.78
C ILE A 264 -12.05 10.13 18.34
N VAL A 265 -12.14 10.64 17.11
CA VAL A 265 -13.39 11.16 16.55
C VAL A 265 -13.78 10.59 15.18
N ASP A 266 -15.07 10.71 14.83
CA ASP A 266 -15.53 10.31 13.49
C ASP A 266 -15.19 11.42 12.53
N GLY A 267 -14.96 11.05 11.25
CA GLY A 267 -14.65 12.00 10.20
C GLY A 267 -14.11 11.35 8.94
N ALA A 268 -14.12 12.13 7.84
CA ALA A 268 -13.46 11.80 6.61
C ALA A 268 -12.86 13.02 5.95
N ALA A 269 -11.91 12.77 5.07
CA ALA A 269 -11.21 13.85 4.39
C ALA A 269 -10.66 13.33 3.06
N LEU A 270 -10.51 14.22 2.11
CA LEU A 270 -10.04 13.84 0.78
C LEU A 270 -9.24 14.97 0.23
N VAL A 271 -8.12 14.61 -0.40
CA VAL A 271 -7.22 15.53 -1.08
C VAL A 271 -7.25 15.13 -2.55
N LEU A 272 -7.46 16.07 -3.45
CA LEU A 272 -7.41 15.77 -4.88
C LEU A 272 -6.04 16.16 -5.38
N VAL A 273 -5.26 15.16 -5.81
CA VAL A 273 -3.89 15.34 -6.27
C VAL A 273 -3.84 15.03 -7.77
N GLY A 274 -3.08 15.83 -8.51
CA GLY A 274 -2.96 15.60 -9.95
C GLY A 274 -1.73 16.22 -10.59
N SER A 275 -1.57 15.91 -11.87
CA SER A 275 -0.49 16.47 -12.66
C SER A 275 -0.87 17.85 -13.15
N GLU A 276 0.13 18.58 -13.63
CA GLU A 276 -0.06 19.90 -14.22
C GLU A 276 -1.04 19.81 -15.39
N LYS A 277 -0.79 18.86 -16.30
CA LYS A 277 -1.62 18.68 -17.49
C LYS A 277 -3.05 18.27 -17.17
N ALA A 278 -3.23 17.44 -16.15
CA ALA A 278 -4.58 17.00 -15.77
C ALA A 278 -5.39 18.22 -15.32
N GLY A 279 -4.76 19.05 -14.50
CA GLY A 279 -5.41 20.27 -14.05
C GLY A 279 -5.76 21.25 -15.14
N LYS A 280 -4.95 21.32 -16.20
CA LYS A 280 -5.18 22.27 -17.30
C LYS A 280 -6.17 21.73 -18.34
N SER A 281 -6.34 20.40 -18.40
CA SER A 281 -7.40 19.83 -19.24
C SER A 281 -8.75 20.09 -18.57
N GLN A 282 -8.80 19.98 -17.25
CA GLN A 282 -10.04 20.19 -16.50
C GLN A 282 -10.19 21.62 -15.99
N GLY A 283 -9.18 22.45 -16.24
CA GLY A 283 -9.22 23.85 -15.80
C GLY A 283 -9.41 24.00 -14.30
N LEU A 284 -8.63 23.24 -13.52
CA LEU A 284 -8.61 23.36 -12.08
C LEU A 284 -7.39 24.21 -11.75
N THR A 285 -7.46 25.00 -10.68
CA THR A 285 -6.35 25.86 -10.27
C THR A 285 -5.53 25.14 -9.19
N PRO A 286 -4.23 24.94 -9.43
CA PRO A 286 -3.45 24.26 -8.40
C PRO A 286 -3.30 25.15 -7.18
N ARG A 287 -3.52 24.59 -6.00
CA ARG A 287 -3.43 25.33 -4.75
C ARG A 287 -2.07 25.17 -4.04
N ALA A 288 -1.43 24.02 -4.19
CA ALA A 288 -0.13 23.79 -3.57
C ALA A 288 0.60 22.72 -4.36
N ARG A 289 1.94 22.75 -4.33
CA ARG A 289 2.75 21.71 -4.97
C ARG A 289 3.32 20.82 -3.88
N ILE A 290 3.39 19.51 -4.14
CA ILE A 290 4.01 18.60 -3.19
C ILE A 290 5.49 18.52 -3.54
N VAL A 291 6.29 19.24 -2.74
CA VAL A 291 7.72 19.34 -2.96
C VAL A 291 8.47 18.02 -2.75
N ALA A 292 8.23 17.38 -1.62
CA ALA A 292 8.87 16.12 -1.28
C ALA A 292 8.00 15.42 -0.24
N THR A 293 8.28 14.15 -0.05
CA THR A 293 7.68 13.37 0.99
C THR A 293 8.63 12.23 1.28
N ALA A 294 8.66 11.79 2.51
CA ALA A 294 9.54 10.71 2.89
C ALA A 294 8.89 10.02 4.07
N THR A 295 9.44 8.85 4.38
CA THR A 295 8.88 7.92 5.33
C THR A 295 10.01 7.39 6.19
N SER A 296 9.79 7.36 7.51
CA SER A 296 10.74 6.75 8.43
C SER A 296 10.10 6.49 9.79
N MET A 303 8.05 4.17 20.70
CA MET A 303 6.93 3.86 19.82
C MET A 303 6.32 5.10 19.13
N LEU A 304 6.65 6.29 19.62
CA LEU A 304 5.90 7.47 19.21
C LEU A 304 6.80 8.54 18.62
N THR A 305 8.02 8.17 18.23
CA THR A 305 9.04 9.12 17.76
C THR A 305 9.20 9.23 16.21
N GLY A 306 8.52 8.38 15.44
CA GLY A 306 8.71 8.33 13.99
C GLY A 306 8.71 9.65 13.23
N PRO A 307 7.81 10.59 13.60
CA PRO A 307 7.81 11.82 12.80
C PRO A 307 9.16 12.57 12.71
N THR A 308 9.98 12.51 13.76
CA THR A 308 11.22 13.29 13.80
C THR A 308 12.21 12.92 12.67
N PRO A 309 12.64 11.66 12.58
CA PRO A 309 13.50 11.32 11.46
C PRO A 309 12.85 11.46 10.10
N ALA A 310 11.53 11.28 10.01
CA ALA A 310 10.89 11.39 8.70
C ALA A 310 11.00 12.85 8.28
N THR A 311 10.88 13.77 9.24
CA THR A 311 10.95 15.19 8.97
C THR A 311 12.36 15.64 8.57
N ARG A 312 13.38 15.16 9.29
CA ARG A 312 14.77 15.37 8.88
C ARG A 312 15.01 14.88 7.46
N LYS A 313 14.42 13.74 7.13
CA LYS A 313 14.62 13.13 5.81
C LYS A 313 13.94 13.96 4.71
N VAL A 314 12.67 14.29 4.89
CA VAL A 314 11.96 15.05 3.87
C VAL A 314 12.70 16.36 3.61
N LEU A 315 13.15 17.02 4.69
CA LEU A 315 13.93 18.25 4.58
C LEU A 315 15.20 18.07 3.75
N ASP A 316 15.92 16.97 3.98
CA ASP A 316 17.10 16.64 3.19
C ASP A 316 16.82 16.48 1.72
N ARG A 317 15.77 15.73 1.39
CA ARG A 317 15.36 15.49 0.01
C ARG A 317 15.02 16.77 -0.76
N ALA A 318 14.32 17.70 -0.09
CA ALA A 318 13.88 18.95 -0.71
C ALA A 318 15.00 19.98 -0.82
N GLY A 319 16.16 19.69 -0.20
CA GLY A 319 17.26 20.63 -0.08
C GLY A 319 16.99 21.80 0.85
N LEU A 320 16.20 21.55 1.91
CA LEU A 320 15.72 22.59 2.82
C LEU A 320 16.13 22.38 4.27
N THR A 321 16.10 23.47 5.02
CA THR A 321 16.36 23.45 6.45
C THR A 321 15.07 23.82 7.14
N ILE A 322 15.09 23.77 8.46
CA ILE A 322 13.96 24.16 9.28
C ILE A 322 13.58 25.63 9.11
N ASP A 323 14.58 26.47 8.87
CA ASP A 323 14.37 27.90 8.63
C ASP A 323 13.52 28.22 7.41
N ASP A 324 13.50 27.31 6.44
CA ASP A 324 12.81 27.51 5.18
C ASP A 324 11.31 27.18 5.24
N ILE A 325 10.86 26.58 6.35
CA ILE A 325 9.49 26.16 6.48
C ILE A 325 8.72 27.24 7.27
N ASP A 326 7.62 27.73 6.73
CA ASP A 326 6.79 28.69 7.45
C ASP A 326 5.91 28.03 8.50
N LEU A 327 5.44 26.82 8.24
CA LEU A 327 4.46 26.21 9.13
C LEU A 327 4.74 24.75 9.30
N PHE A 328 4.76 24.29 10.56
CA PHE A 328 4.89 22.89 10.87
C PHE A 328 3.58 22.31 11.42
N GLU A 329 3.13 21.18 10.88
CA GLU A 329 1.85 20.59 11.31
C GLU A 329 2.11 19.15 11.68
N LEU A 330 2.07 18.83 12.99
CA LEU A 330 2.31 17.45 13.44
C LEU A 330 1.06 16.99 14.18
N ASN A 331 0.54 15.82 13.81
CA ASN A 331 -0.63 15.32 14.48
C ASN A 331 -0.37 15.20 15.98
N GLU A 332 -1.34 15.69 16.76
CA GLU A 332 -1.28 15.72 18.23
C GLU A 332 -1.90 14.45 18.81
N ALA A 333 -1.14 13.36 18.85
CA ALA A 333 -1.61 12.19 19.52
C ALA A 333 -1.48 12.43 21.02
N PHE A 334 -0.29 12.82 21.47
CA PHE A 334 -0.03 13.09 22.87
C PHE A 334 0.82 14.33 22.99
N ALA A 335 0.54 15.14 24.00
CA ALA A 335 1.27 16.39 24.19
C ALA A 335 2.79 16.17 24.31
N SER A 336 3.25 15.19 25.08
CA SER A 336 4.72 14.96 25.21
C SER A 336 5.42 14.71 23.86
N VAL A 337 4.75 14.00 22.97
CA VAL A 337 5.31 13.67 21.66
C VAL A 337 5.43 14.91 20.78
N VAL A 338 4.46 15.81 20.84
CA VAL A 338 4.61 17.08 20.12
C VAL A 338 5.71 17.96 20.74
N LEU A 339 5.84 17.95 22.06
CA LEU A 339 6.86 18.76 22.70
C LEU A 339 8.26 18.21 22.39
N LYS A 340 8.37 16.89 22.25
CA LYS A 340 9.67 16.27 21.93
C LYS A 340 10.11 16.57 20.51
N PHE A 341 9.22 16.36 19.56
CA PHE A 341 9.42 16.79 18.17
C PHE A 341 9.91 18.25 18.13
N GLN A 342 9.23 19.13 18.85
CA GLN A 342 9.54 20.58 18.82
C GLN A 342 10.89 20.82 19.40
N LYS A 343 11.19 20.15 20.52
CA LYS A 343 12.46 20.28 21.21
C LYS A 343 13.61 19.67 20.39
N ASP A 344 13.36 18.50 19.80
CA ASP A 344 14.36 17.86 18.95
C ASP A 344 14.83 18.75 17.81
N LEU A 345 13.89 19.38 17.10
CA LEU A 345 14.20 20.09 15.85
C LEU A 345 14.23 21.61 15.99
N ASN A 346 14.17 22.12 17.22
CA ASN A 346 14.19 23.56 17.46
C ASN A 346 13.10 24.29 16.69
N ILE A 347 11.87 23.76 16.75
CA ILE A 347 10.77 24.39 16.02
C ILE A 347 10.18 25.56 16.82
N PRO A 348 10.10 26.76 16.22
CA PRO A 348 9.49 27.93 16.88
C PRO A 348 8.03 27.70 17.27
N ASP A 349 7.66 28.15 18.47
CA ASP A 349 6.30 28.01 18.92
C ASP A 349 5.29 28.58 17.96
N GLU A 350 5.56 29.76 17.42
CA GLU A 350 4.62 30.39 16.49
C GLU A 350 4.50 29.65 15.14
N LYS A 351 5.29 28.61 14.91
CA LYS A 351 5.18 27.85 13.65
C LYS A 351 4.46 26.51 13.75
N LEU A 352 4.08 26.13 14.97
CA LEU A 352 3.69 24.74 15.25
C LEU A 352 2.20 24.60 15.53
N ASN A 353 1.50 23.82 14.69
CA ASN A 353 0.08 23.49 14.92
C ASN A 353 -0.74 24.76 15.18
N VAL A 354 -0.59 25.69 14.25
CA VAL A 354 -0.95 27.07 14.46
C VAL A 354 -2.46 27.28 14.52
N ASN A 355 -3.24 26.34 13.97
CA ASN A 355 -4.72 26.41 14.01
C ASN A 355 -5.31 25.37 14.94
N GLY A 356 -4.53 24.91 15.89
CA GLY A 356 -4.99 23.86 16.79
C GLY A 356 -4.78 22.48 16.19
N GLY A 357 -4.94 21.46 17.01
CA GLY A 357 -4.74 20.10 16.54
C GLY A 357 -5.68 19.13 17.19
N ALA A 358 -5.31 17.85 17.14
CA ALA A 358 -6.20 16.76 17.49
C ALA A 358 -6.64 16.80 18.94
N ILE A 359 -5.85 17.41 19.82
CA ILE A 359 -6.29 17.48 21.24
C ILE A 359 -7.60 18.27 21.33
N ALA A 360 -7.67 19.35 20.59
CA ALA A 360 -8.85 20.16 20.52
C ALA A 360 -9.89 19.48 19.61
N MET A 361 -9.53 19.25 18.36
CA MET A 361 -10.56 18.88 17.36
C MET A 361 -10.82 17.40 17.22
N GLY A 362 -9.91 16.59 17.77
CA GLY A 362 -10.07 15.15 17.74
C GLY A 362 -9.12 14.54 16.74
N HIS A 363 -8.71 13.33 17.06
CA HIS A 363 -7.85 12.50 16.22
C HIS A 363 -8.73 11.58 15.37
N PRO A 364 -8.82 11.85 14.06
CA PRO A 364 -9.68 11.08 13.16
C PRO A 364 -9.00 9.85 12.51
N LEU A 365 -8.03 9.26 13.19
CA LEU A 365 -7.31 8.06 12.75
C LEU A 365 -6.96 8.10 11.25
N GLY A 366 -7.57 7.26 10.43
CA GLY A 366 -7.23 7.22 8.98
C GLY A 366 -7.41 8.49 8.18
N ALA A 367 -8.37 9.33 8.59
CA ALA A 367 -8.62 10.60 7.90
C ALA A 367 -7.59 11.69 8.22
N THR A 368 -6.67 11.41 9.15
CA THR A 368 -5.84 12.43 9.75
C THR A 368 -4.95 13.11 8.74
N GLY A 369 -4.28 12.32 7.90
CA GLY A 369 -3.30 12.85 6.94
C GLY A 369 -3.92 13.87 6.01
N ALA A 370 -5.06 13.53 5.40
CA ALA A 370 -5.75 14.45 4.49
C ALA A 370 -6.30 15.69 5.25
N MET A 371 -6.78 15.52 6.48
CA MET A 371 -7.29 16.70 7.22
C MET A 371 -6.22 17.70 7.58
N ILE A 372 -5.07 17.23 8.03
CA ILE A 372 -3.98 18.16 8.42
C ILE A 372 -3.22 18.69 7.21
N THR A 373 -3.28 17.98 6.11
CA THR A 373 -2.79 18.49 4.85
C THR A 373 -3.63 19.62 4.38
N GLY A 374 -4.95 19.43 4.34
CA GLY A 374 -5.86 20.48 3.96
C GLY A 374 -5.74 21.71 4.86
N THR A 375 -5.63 21.48 6.16
CA THR A 375 -5.45 22.59 7.13
C THR A 375 -4.27 23.47 6.74
N MET A 376 -3.18 22.87 6.30
CA MET A 376 -2.02 23.61 5.83
C MET A 376 -2.17 24.23 4.43
N VAL A 377 -2.83 23.55 3.48
CA VAL A 377 -3.07 24.19 2.19
C VAL A 377 -3.86 25.50 2.42
N ASP A 378 -4.88 25.48 3.29
CA ASP A 378 -5.69 26.67 3.55
C ASP A 378 -4.88 27.71 4.26
N GLU A 379 -4.12 27.31 5.27
CA GLU A 379 -3.46 28.31 6.11
C GLU A 379 -2.26 28.97 5.42
N LEU A 380 -1.57 28.25 4.53
CA LEU A 380 -0.55 28.88 3.66
C LEU A 380 -1.19 30.00 2.81
N GLU A 381 -2.36 29.73 2.29
CA GLU A 381 -3.15 30.65 1.48
C GLU A 381 -3.56 31.87 2.29
N ARG A 382 -4.11 31.62 3.48
CA ARG A 382 -4.53 32.69 4.34
C ARG A 382 -3.35 33.60 4.77
N ARG A 383 -2.15 33.05 4.97
CA ARG A 383 -1.01 33.86 5.37
C ARG A 383 -0.22 34.45 4.20
N ASN A 384 -0.53 34.01 2.98
CA ASN A 384 0.36 34.24 1.85
C ASN A 384 1.76 33.74 2.21
N ALA A 385 1.82 32.54 2.77
CA ALA A 385 3.08 31.94 3.19
C ALA A 385 3.50 30.91 2.15
N ARG A 386 4.72 30.40 2.22
CA ARG A 386 5.29 29.67 1.08
C ARG A 386 5.26 28.17 1.29
N ARG A 387 5.79 27.69 2.41
CA ARG A 387 5.98 26.25 2.60
C ARG A 387 5.42 25.76 3.93
N ALA A 388 4.89 24.55 3.94
CA ALA A 388 4.56 23.88 5.22
C ALA A 388 5.08 22.46 5.24
N LEU A 389 5.29 21.94 6.44
CA LEU A 389 5.71 20.57 6.62
C LEU A 389 4.65 19.87 7.44
N ILE A 390 4.09 18.81 6.89
CA ILE A 390 2.98 18.09 7.49
C ILE A 390 3.44 16.69 7.87
N THR A 391 3.24 16.27 9.11
CA THR A 391 3.81 15.00 9.53
C THR A 391 2.95 14.26 10.56
N LEU A 392 3.02 12.94 10.57
CA LEU A 392 2.27 12.10 11.50
C LEU A 392 2.85 10.70 11.53
N CYS A 393 2.38 9.85 12.46
CA CYS A 393 2.68 8.40 12.46
C CYS A 393 1.76 7.59 11.55
N ILE A 394 2.32 6.57 10.91
CA ILE A 394 1.63 5.76 9.88
C ILE A 394 0.66 4.63 10.36
N GLY A 395 1.11 3.77 11.28
CA GLY A 395 2.36 3.96 11.97
C GLY A 395 2.74 2.89 12.96
N GLY A 396 3.06 1.70 12.47
CA GLY A 396 3.72 0.71 13.32
C GLY A 396 5.14 1.18 13.68
N GLY A 397 5.23 2.35 14.32
CA GLY A 397 6.51 3.03 14.59
C GLY A 397 6.98 3.96 13.47
N MET A 398 6.30 3.88 12.33
CA MET A 398 6.69 4.59 11.12
C MET A 398 6.05 5.97 11.03
N GLY A 399 6.91 6.95 10.80
CA GLY A 399 6.50 8.32 10.58
C GLY A 399 6.60 8.68 9.12
N VAL A 400 5.84 9.70 8.76
CA VAL A 400 5.78 10.25 7.42
C VAL A 400 5.76 11.78 7.52
N ALA A 401 6.49 12.44 6.63
CA ALA A 401 6.53 13.90 6.58
C ALA A 401 6.47 14.31 5.12
N THR A 402 5.73 15.38 4.84
CA THR A 402 5.53 15.85 3.48
C THR A 402 5.65 17.38 3.46
N ILE A 403 6.48 17.91 2.56
CA ILE A 403 6.55 19.36 2.39
C ILE A 403 5.69 19.80 1.22
N ILE A 404 4.83 20.79 1.44
CA ILE A 404 4.09 21.44 0.36
C ILE A 404 4.50 22.91 0.20
N GLU A 405 4.31 23.42 -1.02
CA GLU A 405 4.64 24.80 -1.35
C GLU A 405 3.45 25.47 -2.02
N ARG A 406 3.06 26.67 -1.55
CA ARG A 406 1.83 27.32 -2.06
C ARG A 406 2.06 27.80 -3.51
N VAL A 407 1.16 27.39 -4.41
CA VAL A 407 1.28 27.70 -5.85
C VAL A 407 0.19 28.68 -6.32
N GLU B 7 12.09 9.94 -14.78
CA GLU B 7 12.86 8.88 -14.04
C GLU B 7 12.39 7.48 -14.37
N GLU B 8 13.25 6.76 -15.06
CA GLU B 8 12.93 5.44 -15.52
C GLU B 8 13.22 4.46 -14.38
N ALA B 9 12.47 3.37 -14.33
CA ALA B 9 12.71 2.36 -13.32
C ALA B 9 13.28 1.14 -14.01
N PHE B 10 14.40 0.64 -13.50
CA PHE B 10 15.05 -0.48 -14.14
C PHE B 10 15.07 -1.61 -13.13
N ILE B 11 15.02 -2.84 -13.66
CA ILE B 11 15.23 -4.03 -12.86
C ILE B 11 16.72 -4.37 -12.97
N TYR B 12 17.41 -4.40 -11.83
CA TYR B 12 18.82 -4.72 -11.76
C TYR B 12 19.09 -6.17 -11.43
N GLU B 13 18.22 -6.77 -10.65
CA GLU B 13 18.31 -8.16 -10.32
C GLU B 13 16.91 -8.67 -9.97
N ALA B 14 16.71 -9.95 -10.21
CA ALA B 14 15.45 -10.61 -9.90
C ALA B 14 15.74 -12.08 -9.56
N ILE B 15 15.71 -12.44 -8.28
CA ILE B 15 15.98 -13.81 -7.84
C ILE B 15 14.86 -14.41 -7.06
N ARG B 16 14.96 -15.70 -6.87
CA ARG B 16 13.91 -16.43 -6.18
C ARG B 16 14.38 -17.75 -5.66
N THR B 17 13.67 -18.19 -4.65
CA THR B 17 13.81 -19.46 -3.99
C THR B 17 13.19 -20.53 -4.91
N PRO B 18 13.66 -21.76 -4.84
CA PRO B 18 12.85 -22.78 -5.42
C PRO B 18 11.52 -22.89 -4.62
N ARG B 19 10.51 -23.55 -5.18
CA ARG B 19 9.20 -23.65 -4.55
C ARG B 19 8.98 -25.02 -3.86
N GLY B 20 8.64 -24.96 -2.56
CA GLY B 20 8.38 -26.14 -1.74
C GLY B 20 6.93 -26.50 -1.57
N LYS B 21 6.64 -27.80 -1.61
CA LYS B 21 5.29 -28.30 -1.34
C LYS B 21 5.02 -28.05 0.13
N GLN B 22 3.79 -27.64 0.42
CA GLN B 22 3.39 -27.23 1.76
C GLN B 22 3.03 -28.44 2.60
N LYS B 23 3.22 -28.32 3.91
CA LYS B 23 2.89 -29.38 4.86
C LYS B 23 4.00 -30.45 4.93
N ASN B 24 4.14 -31.28 3.87
CA ASN B 24 5.12 -32.36 3.81
C ASN B 24 6.21 -32.17 2.76
N GLY B 25 6.76 -30.96 2.65
CA GLY B 25 7.77 -30.67 1.64
C GLY B 25 9.05 -30.16 2.26
N SER B 26 9.95 -29.68 1.39
CA SER B 26 11.32 -29.37 1.80
C SER B 26 11.47 -28.05 2.56
N LEU B 27 10.57 -27.09 2.37
CA LEU B 27 10.70 -25.80 3.05
C LEU B 27 9.81 -25.68 4.27
N THR B 28 9.14 -26.77 4.65
CA THR B 28 8.14 -26.73 5.70
C THR B 28 8.72 -26.29 7.04
N GLU B 29 9.97 -26.64 7.33
CA GLU B 29 10.58 -26.18 8.58
C GLU B 29 11.22 -24.79 8.48
N VAL B 30 11.30 -24.22 7.27
CA VAL B 30 12.00 -22.95 7.11
C VAL B 30 11.02 -21.82 7.25
N LYS B 31 11.31 -20.93 8.20
CA LYS B 31 10.48 -19.77 8.54
C LYS B 31 10.47 -18.75 7.40
N PRO B 32 9.35 -18.05 7.21
CA PRO B 32 9.27 -17.23 6.02
C PRO B 32 10.33 -16.15 6.00
N LEU B 33 10.66 -15.62 7.18
CA LEU B 33 11.69 -14.60 7.32
C LEU B 33 13.04 -15.03 6.75
N ASN B 34 13.46 -16.25 7.13
CA ASN B 34 14.70 -16.82 6.69
C ASN B 34 14.69 -17.03 5.18
N LEU B 35 13.53 -17.32 4.59
CA LEU B 35 13.44 -17.44 3.14
C LEU B 35 13.72 -16.08 2.45
N VAL B 36 13.27 -14.98 3.09
CA VAL B 36 13.49 -13.65 2.55
C VAL B 36 14.91 -13.15 2.81
N VAL B 37 15.43 -13.37 4.03
CA VAL B 37 16.81 -12.98 4.37
C VAL B 37 17.88 -13.70 3.51
N GLY B 38 17.66 -14.98 3.19
CA GLY B 38 18.56 -15.71 2.30
C GLY B 38 18.66 -15.08 0.91
N LEU B 39 17.57 -14.53 0.39
CA LEU B 39 17.66 -13.82 -0.89
C LEU B 39 18.47 -12.53 -0.73
N VAL B 40 18.32 -11.84 0.38
CA VAL B 40 19.11 -10.61 0.60
C VAL B 40 20.58 -11.01 0.68
N ASP B 41 20.87 -12.10 1.37
CA ASP B 41 22.27 -12.54 1.47
C ASP B 41 22.88 -12.96 0.12
N GLU B 42 22.06 -13.53 -0.76
CA GLU B 42 22.51 -13.86 -2.10
C GLU B 42 22.79 -12.59 -2.92
N LEU B 43 21.92 -11.59 -2.79
CA LEU B 43 22.16 -10.32 -3.47
C LEU B 43 23.49 -9.70 -3.04
N ARG B 44 23.80 -9.81 -1.74
CA ARG B 44 25.06 -9.25 -1.20
C ARG B 44 26.29 -9.99 -1.73
N ARG B 45 26.18 -11.31 -1.88
CA ARG B 45 27.26 -12.10 -2.44
C ARG B 45 27.48 -11.69 -3.91
N ARG B 46 26.39 -11.50 -4.63
CA ARG B 46 26.45 -11.03 -6.01
C ARG B 46 26.96 -9.60 -6.16
N TYR B 47 26.60 -8.73 -5.23
CA TYR B 47 26.90 -7.32 -5.36
C TYR B 47 27.54 -6.77 -4.09
N PRO B 48 28.73 -7.28 -3.73
CA PRO B 48 29.35 -7.03 -2.42
C PRO B 48 29.64 -5.57 -2.09
N ASP B 49 29.75 -4.71 -3.11
CA ASP B 49 30.07 -3.30 -2.88
C ASP B 49 28.81 -2.43 -2.63
N LEU B 50 27.63 -3.03 -2.83
CA LEU B 50 26.36 -2.30 -2.80
C LEU B 50 26.18 -1.47 -1.53
N ASP B 51 25.95 -0.17 -1.72
CA ASP B 51 25.61 0.74 -0.64
C ASP B 51 24.11 0.58 -0.32
N GLU B 52 23.82 -0.12 0.77
CA GLU B 52 22.43 -0.42 1.14
C GLU B 52 21.69 0.82 1.66
N THR B 53 22.43 1.86 2.00
CA THR B 53 21.80 3.11 2.39
C THR B 53 20.86 3.63 1.29
N LEU B 54 21.08 3.21 0.05
CA LEU B 54 20.18 3.61 -1.05
C LEU B 54 18.90 2.79 -1.13
N ILE B 55 18.84 1.66 -0.43
CA ILE B 55 17.61 0.86 -0.42
C ILE B 55 16.64 1.46 0.59
N SER B 56 15.65 2.17 0.07
CA SER B 56 14.66 2.91 0.85
C SER B 56 13.53 2.03 1.47
N ASP B 57 13.21 0.91 0.81
CA ASP B 57 12.13 0.04 1.27
C ASP B 57 12.34 -1.38 0.82
N MET B 58 11.94 -2.30 1.69
CA MET B 58 11.68 -3.67 1.25
C MET B 58 10.20 -3.77 1.23
N ILE B 59 9.68 -4.22 0.10
CA ILE B 59 8.24 -4.34 -0.11
C ILE B 59 7.88 -5.81 -0.24
N LEU B 60 7.09 -6.31 0.68
CA LEU B 60 6.79 -7.75 0.64
C LEU B 60 5.31 -7.97 0.50
N GLY B 61 4.94 -8.78 -0.50
CA GLY B 61 3.56 -9.28 -0.63
C GLY B 61 3.38 -10.51 0.24
N VAL B 62 2.30 -10.53 0.98
CA VAL B 62 1.94 -11.67 1.81
C VAL B 62 0.42 -11.82 1.72
N VAL B 63 -0.03 -12.89 1.05
CA VAL B 63 -1.45 -13.13 0.77
C VAL B 63 -2.10 -13.98 1.83
N ASP B 72 4.09 -8.51 10.49
CA ASP B 72 5.07 -7.43 10.44
C ASP B 72 6.35 -7.88 9.73
N ILE B 73 6.21 -8.75 8.73
CA ILE B 73 7.33 -9.45 8.11
C ILE B 73 8.28 -8.58 7.25
N ALA B 74 7.71 -7.57 6.59
CA ALA B 74 8.53 -6.62 5.85
C ALA B 74 9.45 -5.85 6.82
N ARG B 75 8.88 -5.30 7.88
CA ARG B 75 9.65 -4.54 8.84
C ARG B 75 10.60 -5.47 9.60
N THR B 76 10.14 -6.67 9.99
CA THR B 76 11.00 -7.62 10.68
C THR B 76 12.12 -8.15 9.76
N ALA B 77 11.85 -8.29 8.47
CA ALA B 77 12.85 -8.79 7.54
C ALA B 77 14.03 -7.85 7.35
N VAL B 78 13.73 -6.56 7.32
CA VAL B 78 14.75 -5.52 7.26
C VAL B 78 15.74 -5.64 8.43
N LEU B 79 15.19 -5.88 9.62
CA LEU B 79 15.99 -5.96 10.83
C LEU B 79 16.81 -7.24 10.84
N ALA B 80 16.20 -8.37 10.48
CA ALA B 80 16.88 -9.66 10.49
C ALA B 80 17.97 -9.76 9.41
N ALA B 81 17.78 -9.05 8.30
CA ALA B 81 18.77 -9.02 7.23
C ALA B 81 19.92 -8.06 7.58
N GLY B 82 19.75 -7.24 8.61
CA GLY B 82 20.72 -6.19 8.90
C GLY B 82 20.75 -5.11 7.82
N LEU B 83 19.63 -4.92 7.11
CA LEU B 83 19.52 -3.79 6.21
C LEU B 83 19.57 -2.54 7.07
N PRO B 84 19.91 -1.39 6.48
CA PRO B 84 19.94 -0.15 7.28
C PRO B 84 18.60 0.16 7.96
N GLU B 85 18.68 0.87 9.08
CA GLU B 85 17.50 1.27 9.86
C GLU B 85 16.75 2.40 9.14
N THR B 86 17.45 3.07 8.21
CA THR B 86 16.82 3.97 7.24
C THR B 86 16.00 3.27 6.15
N THR B 87 16.09 1.95 6.03
CA THR B 87 15.23 1.21 5.11
C THR B 87 13.86 0.93 5.75
N GLY B 88 12.75 1.26 5.08
CA GLY B 88 11.41 0.94 5.59
C GLY B 88 10.96 -0.45 5.15
N GLY B 89 9.85 -0.92 5.71
CA GLY B 89 9.20 -2.16 5.32
C GLY B 89 7.75 -1.90 4.95
N VAL B 90 7.36 -2.31 3.75
CA VAL B 90 5.97 -2.19 3.29
C VAL B 90 5.39 -3.59 3.11
N GLN B 91 4.26 -3.87 3.76
CA GLN B 91 3.60 -5.16 3.63
C GLN B 91 2.25 -5.05 2.90
N LEU B 92 2.10 -5.90 1.88
CA LEU B 92 0.97 -5.83 0.96
C LEU B 92 0.19 -7.16 0.93
N ASN B 93 -1.13 -7.09 1.15
CA ASN B 93 -2.04 -8.26 0.89
C ASN B 93 -2.91 -8.01 -0.35
N SER B 98 -4.07 -3.58 -0.05
CA SER B 98 -5.29 -3.79 -0.85
C SER B 98 -5.32 -2.82 -2.03
N GLY B 99 -5.28 -3.36 -3.26
CA GLY B 99 -5.26 -2.56 -4.50
C GLY B 99 -3.85 -2.28 -5.04
N LEU B 100 -2.83 -2.76 -4.33
CA LEU B 100 -1.48 -2.52 -4.75
C LEU B 100 -0.81 -3.85 -5.06
N GLU B 101 0.40 -3.76 -5.62
CA GLU B 101 1.21 -4.92 -5.84
C GLU B 101 2.67 -4.50 -5.71
N ALA B 102 3.52 -5.44 -5.27
CA ALA B 102 4.88 -5.12 -4.85
C ALA B 102 5.72 -4.47 -5.95
N VAL B 103 5.75 -5.09 -7.11
CA VAL B 103 6.61 -4.61 -8.16
C VAL B 103 6.13 -3.30 -8.73
N ASN B 104 4.83 -3.26 -8.98
CA ASN B 104 4.13 -2.05 -9.40
C ASN B 104 4.39 -0.90 -8.40
N THR B 105 4.33 -1.19 -7.11
CA THR B 105 4.61 -0.15 -6.12
C THR B 105 6.05 0.32 -6.16
N ALA B 106 6.99 -0.59 -6.37
CA ALA B 106 8.41 -0.25 -6.35
C ALA B 106 8.77 0.60 -7.55
N ALA B 107 8.17 0.31 -8.70
CA ALA B 107 8.43 1.08 -9.89
C ALA B 107 7.91 2.51 -9.71
N GLN B 108 6.73 2.65 -9.13
CA GLN B 108 6.15 4.01 -8.95
C GLN B 108 6.97 4.86 -7.97
N LYS B 109 7.42 4.23 -6.87
CA LYS B 109 8.35 4.86 -5.94
C LYS B 109 9.58 5.37 -6.66
N VAL B 110 10.23 4.50 -7.43
CA VAL B 110 11.45 4.88 -8.15
C VAL B 110 11.19 5.90 -9.27
N ARG B 111 10.12 5.72 -10.01
CA ARG B 111 9.74 6.68 -11.05
C ARG B 111 9.42 8.04 -10.49
N SER B 112 8.92 8.07 -9.26
CA SER B 112 8.59 9.32 -8.60
C SER B 112 9.86 10.13 -8.32
N GLY B 113 11.00 9.44 -8.25
CA GLY B 113 12.31 10.11 -8.15
C GLY B 113 12.79 10.39 -6.73
N TRP B 114 11.97 10.08 -5.73
CA TRP B 114 12.35 10.27 -4.33
C TRP B 114 12.93 9.03 -3.66
N ASP B 115 12.86 7.85 -4.28
CA ASP B 115 13.52 6.63 -3.80
C ASP B 115 14.48 6.09 -4.84
N ASP B 116 15.63 5.59 -4.40
CA ASP B 116 16.73 5.26 -5.31
C ASP B 116 16.81 3.76 -5.65
N LEU B 117 16.68 2.90 -4.63
CA LEU B 117 16.65 1.44 -4.83
C LEU B 117 15.56 0.88 -3.95
N VAL B 118 14.80 -0.07 -4.47
CA VAL B 118 13.77 -0.75 -3.69
C VAL B 118 13.93 -2.24 -3.90
N LEU B 119 13.73 -3.04 -2.84
CA LEU B 119 13.54 -4.46 -2.98
C LEU B 119 12.06 -4.69 -2.93
N ALA B 120 11.57 -5.50 -3.86
CA ALA B 120 10.13 -5.75 -4.01
C ALA B 120 9.92 -7.20 -4.31
N GLY B 121 9.01 -7.82 -3.61
CA GLY B 121 8.73 -9.21 -3.88
C GLY B 121 7.73 -9.69 -2.89
N GLY B 122 7.95 -10.87 -2.32
CA GLY B 122 7.02 -11.43 -1.33
C GLY B 122 7.44 -12.83 -0.90
N VAL B 123 6.64 -13.43 -0.04
CA VAL B 123 6.96 -14.65 0.61
C VAL B 123 5.65 -15.37 1.01
N GLU B 124 5.67 -16.69 0.90
CA GLU B 124 4.61 -17.54 1.35
C GLU B 124 5.19 -18.69 2.15
N SER B 125 4.53 -19.00 3.26
CA SER B 125 4.85 -20.16 4.08
C SER B 125 3.65 -20.59 4.90
N MET B 126 3.24 -21.84 4.78
CA MET B 126 2.07 -22.32 5.54
C MET B 126 2.29 -22.07 7.03
N TRP B 138 -10.09 -21.96 2.29
CA TRP B 138 -9.18 -22.51 1.29
C TRP B 138 -9.83 -23.63 0.49
N ALA B 139 -9.66 -23.58 -0.83
CA ALA B 139 -10.02 -24.70 -1.71
C ALA B 139 -8.94 -25.77 -1.64
N THR B 140 -9.37 -27.03 -1.68
CA THR B 140 -8.48 -28.18 -1.59
C THR B 140 -8.86 -29.25 -2.62
N ASP B 141 -7.87 -29.93 -3.18
CA ASP B 141 -8.17 -30.98 -4.15
C ASP B 141 -8.70 -32.23 -3.43
N PRO B 142 -9.64 -32.95 -4.08
CA PRO B 142 -10.41 -33.97 -3.38
C PRO B 142 -9.59 -35.14 -2.82
N GLU B 143 -8.56 -35.56 -3.55
CA GLU B 143 -7.81 -36.79 -3.21
C GLU B 143 -6.52 -36.58 -2.37
N THR B 144 -5.80 -35.46 -2.57
CA THR B 144 -4.55 -35.19 -1.83
C THR B 144 -4.68 -34.21 -0.64
N ASN B 145 -5.86 -33.61 -0.47
CA ASN B 145 -6.10 -32.53 0.53
C ASN B 145 -5.14 -31.31 0.42
N TYR B 146 -4.67 -31.00 -0.77
CA TYR B 146 -3.67 -29.95 -0.96
C TYR B 146 -4.34 -28.64 -1.40
N ARG B 147 -3.87 -27.50 -0.88
CA ARG B 147 -4.52 -26.20 -1.11
C ARG B 147 -4.38 -25.74 -2.56
N ILE B 148 -5.48 -25.31 -3.21
CA ILE B 148 -5.50 -25.00 -4.68
C ILE B 148 -6.27 -23.79 -5.34
N GLY B 149 -6.67 -22.69 -4.69
CA GLY B 149 -6.53 -22.36 -3.30
C GLY B 149 -7.74 -21.67 -2.66
N PHE B 150 -8.64 -21.04 -3.43
CA PHE B 150 -9.92 -20.47 -2.83
C PHE B 150 -11.20 -20.98 -3.49
N VAL B 151 -12.15 -21.41 -2.66
CA VAL B 151 -13.32 -22.17 -3.13
C VAL B 151 -14.15 -21.42 -4.18
N PRO B 152 -14.61 -20.20 -3.87
CA PRO B 152 -15.40 -19.46 -4.86
C PRO B 152 -14.61 -19.12 -6.13
N GLN B 153 -13.30 -19.00 -6.01
CA GLN B 153 -12.47 -18.82 -7.20
C GLN B 153 -12.55 -20.04 -8.09
N GLY B 154 -12.59 -21.21 -7.48
CA GLY B 154 -12.64 -22.46 -8.20
C GLY B 154 -13.95 -22.61 -8.92
N ILE B 155 -15.03 -22.22 -8.26
CA ILE B 155 -16.36 -22.24 -8.88
C ILE B 155 -16.40 -21.25 -10.05
N GLY B 156 -15.93 -20.03 -9.83
CA GLY B 156 -15.79 -19.05 -10.92
C GLY B 156 -15.00 -19.57 -12.10
N ALA B 157 -13.92 -20.30 -11.80
CA ALA B 157 -13.09 -20.89 -12.83
C ALA B 157 -13.90 -21.86 -13.69
N ASP B 158 -14.68 -22.71 -13.02
CA ASP B 158 -15.61 -23.61 -13.69
C ASP B 158 -16.70 -22.86 -14.43
N LEU B 159 -17.14 -21.73 -13.90
CA LEU B 159 -18.13 -20.92 -14.59
C LEU B 159 -17.53 -20.36 -15.89
N ILE B 160 -16.30 -19.87 -15.81
CA ILE B 160 -15.63 -19.34 -17.00
C ILE B 160 -15.59 -20.41 -18.08
N ALA B 161 -15.04 -21.57 -17.74
CA ALA B 161 -15.03 -22.72 -18.66
C ALA B 161 -16.44 -23.02 -19.20
N THR B 162 -17.45 -22.91 -18.36
CA THR B 162 -18.81 -23.13 -18.81
C THR B 162 -19.28 -22.06 -19.81
N LEU B 163 -19.01 -20.80 -19.49
CA LEU B 163 -19.47 -19.67 -20.32
C LEU B 163 -18.72 -19.62 -21.66
N GLU B 164 -17.43 -19.92 -21.61
CA GLU B 164 -16.53 -19.76 -22.76
C GLU B 164 -16.46 -21.00 -23.66
N GLY B 165 -16.90 -22.14 -23.15
CA GLY B 165 -16.85 -23.39 -23.90
C GLY B 165 -15.44 -23.96 -23.92
N PHE B 166 -14.82 -24.01 -22.75
CA PHE B 166 -13.57 -24.78 -22.59
C PHE B 166 -13.93 -26.08 -21.92
N SER B 167 -13.59 -27.18 -22.57
CA SER B 167 -13.86 -28.52 -22.06
C SER B 167 -12.87 -28.96 -20.99
N ARG B 168 -13.22 -30.01 -20.27
CA ARG B 168 -12.26 -30.72 -19.43
C ARG B 168 -10.97 -31.06 -20.18
N GLU B 169 -11.07 -31.48 -21.45
CA GLU B 169 -9.88 -31.76 -22.23
C GLU B 169 -9.06 -30.51 -22.53
N ASP B 170 -9.72 -29.37 -22.73
CA ASP B 170 -9.00 -28.07 -22.92
C ASP B 170 -8.19 -27.66 -21.69
N VAL B 171 -8.78 -27.76 -20.50
CA VAL B 171 -8.11 -27.29 -19.29
C VAL B 171 -6.99 -28.26 -18.89
N ASP B 172 -7.22 -29.54 -19.15
CA ASP B 172 -6.19 -30.53 -18.94
C ASP B 172 -5.06 -30.39 -19.95
N ALA B 173 -5.34 -30.11 -21.22
CA ALA B 173 -4.29 -29.91 -22.19
C ALA B 173 -3.46 -28.71 -21.77
N TYR B 174 -4.10 -27.65 -21.26
CA TYR B 174 -3.31 -26.50 -20.76
C TYR B 174 -2.39 -26.90 -19.61
N ALA B 175 -2.90 -27.66 -18.64
CA ALA B 175 -2.08 -28.16 -17.54
C ALA B 175 -0.90 -28.98 -18.06
N LEU B 176 -1.12 -29.82 -19.06
CA LEU B 176 -0.05 -30.66 -19.58
C LEU B 176 1.09 -29.80 -20.15
N ARG B 177 0.73 -28.78 -20.95
CA ARG B 177 1.71 -27.91 -21.57
C ARG B 177 2.50 -27.13 -20.51
N SER B 178 1.87 -26.78 -19.38
CA SER B 178 2.60 -26.16 -18.25
C SER B 178 3.70 -27.07 -17.68
N GLN B 179 3.36 -28.34 -17.49
CA GLN B 179 4.28 -29.28 -16.89
C GLN B 179 5.42 -29.51 -17.88
N GLN B 180 5.08 -29.69 -19.16
CA GLN B 180 6.07 -29.90 -20.22
C GLN B 180 7.05 -28.71 -20.38
N LYS B 181 6.52 -27.48 -20.41
CA LYS B 181 7.35 -26.29 -20.56
C LYS B 181 8.23 -25.99 -19.36
N ALA B 182 7.69 -26.24 -18.17
CA ALA B 182 8.45 -26.22 -16.93
C ALA B 182 9.60 -27.23 -16.94
N ALA B 183 9.28 -28.46 -17.37
CA ALA B 183 10.31 -29.49 -17.43
C ALA B 183 11.40 -29.10 -18.41
N ALA B 184 11.00 -28.50 -19.53
CA ALA B 184 11.95 -28.12 -20.55
C ALA B 184 12.82 -26.96 -20.07
N ALA B 185 12.22 -26.04 -19.36
CA ALA B 185 12.94 -24.92 -18.78
C ALA B 185 13.96 -25.38 -17.72
N TRP B 186 13.50 -26.18 -16.76
CA TRP B 186 14.40 -26.70 -15.74
C TRP B 186 15.55 -27.50 -16.39
N SER B 187 15.23 -28.53 -17.16
CA SER B 187 16.27 -29.38 -17.75
C SER B 187 17.16 -28.65 -18.78
N GLY B 188 16.62 -27.60 -19.37
CA GLY B 188 17.38 -26.73 -20.28
C GLY B 188 18.32 -25.74 -19.60
N GLY B 189 18.30 -25.65 -18.27
CA GLY B 189 19.18 -24.69 -17.55
C GLY B 189 18.71 -23.22 -17.53
N TYR B 190 17.46 -22.97 -17.88
CA TYR B 190 16.95 -21.58 -18.03
C TYR B 190 16.85 -20.81 -16.70
N PHE B 191 16.68 -21.56 -15.62
CA PHE B 191 16.42 -20.99 -14.33
C PHE B 191 17.68 -21.04 -13.47
N ALA B 192 18.84 -21.42 -14.02
CA ALA B 192 20.02 -21.69 -13.20
C ALA B 192 20.54 -20.46 -12.53
N LYS B 193 20.34 -19.31 -13.16
CA LYS B 193 20.91 -18.06 -12.67
C LYS B 193 20.05 -17.49 -11.54
N SER B 194 18.74 -17.68 -11.61
CA SER B 194 17.81 -16.97 -10.73
C SER B 194 17.27 -17.78 -9.57
N VAL B 195 17.32 -19.10 -9.66
CA VAL B 195 16.72 -19.95 -8.62
C VAL B 195 17.81 -20.29 -7.62
N VAL B 196 17.69 -19.72 -6.43
CA VAL B 196 18.74 -19.80 -5.40
C VAL B 196 18.43 -20.84 -4.32
N PRO B 197 19.22 -21.92 -4.27
CA PRO B 197 18.98 -22.98 -3.28
C PRO B 197 18.87 -22.47 -1.86
N VAL B 198 17.91 -23.02 -1.13
CA VAL B 198 17.73 -22.73 0.30
C VAL B 198 18.58 -23.73 1.04
N ARG B 199 19.33 -23.24 2.03
CA ARG B 199 20.31 -24.05 2.77
C ARG B 199 20.03 -23.97 4.26
N ASP B 200 20.47 -24.98 5.00
CA ASP B 200 20.29 -24.97 6.45
C ASP B 200 21.38 -24.19 7.16
N GLN B 201 21.30 -24.14 8.49
CA GLN B 201 22.15 -23.27 9.29
C GLN B 201 23.57 -23.82 9.38
N ASN B 202 23.80 -25.02 8.84
CA ASN B 202 25.15 -25.55 8.59
C ASN B 202 25.55 -25.55 7.10
N GLY B 203 24.68 -25.07 6.20
CA GLY B 203 25.04 -24.98 4.77
C GLY B 203 24.56 -26.09 3.82
N LEU B 204 23.94 -27.12 4.35
CA LEU B 204 23.47 -28.23 3.51
C LEU B 204 22.27 -27.73 2.70
N VAL B 205 22.26 -28.02 1.42
CA VAL B 205 21.13 -27.68 0.55
C VAL B 205 19.89 -28.38 1.03
N ILE B 206 18.86 -27.60 1.37
CA ILE B 206 17.54 -28.12 1.75
C ILE B 206 16.63 -28.35 0.53
N LEU B 207 16.70 -27.47 -0.47
CA LEU B 207 15.91 -27.57 -1.69
C LEU B 207 16.59 -26.71 -2.74
N ASP B 208 16.72 -27.28 -3.93
CA ASP B 208 17.32 -26.62 -5.04
C ASP B 208 16.45 -26.71 -6.28
N HIS B 209 15.22 -27.18 -6.16
CA HIS B 209 14.39 -27.27 -7.35
C HIS B 209 12.91 -27.15 -7.04
N ASP B 210 12.09 -26.99 -8.08
CA ASP B 210 10.66 -26.81 -7.90
C ASP B 210 9.92 -28.15 -7.73
N GLU B 211 9.92 -28.65 -6.50
CA GLU B 211 9.49 -30.03 -6.19
C GLU B 211 8.00 -30.32 -6.36
N HIS B 212 7.16 -29.30 -6.56
CA HIS B 212 5.75 -29.49 -6.87
C HIS B 212 5.54 -29.95 -8.34
N MET B 213 6.60 -29.87 -9.17
CA MET B 213 6.45 -30.21 -10.59
C MET B 213 6.03 -31.69 -10.74
N ARG B 214 5.25 -32.01 -11.76
CA ARG B 214 4.89 -33.37 -11.99
C ARG B 214 5.17 -33.67 -13.46
N PRO B 215 6.44 -33.86 -13.81
CA PRO B 215 6.72 -33.96 -15.23
C PRO B 215 6.31 -35.29 -15.86
N ASP B 216 5.90 -36.25 -15.03
CA ASP B 216 5.26 -37.48 -15.54
C ASP B 216 3.78 -37.31 -15.86
N THR B 217 3.26 -36.09 -15.81
CA THR B 217 1.81 -35.83 -16.06
C THR B 217 1.40 -36.22 -17.48
N THR B 218 0.28 -36.94 -17.62
CA THR B 218 -0.28 -37.30 -18.93
C THR B 218 -1.78 -36.93 -19.03
N MET B 219 -2.34 -36.93 -20.24
CA MET B 219 -3.77 -36.59 -20.36
C MET B 219 -4.61 -37.66 -19.68
N GLU B 220 -4.23 -38.92 -19.85
CA GLU B 220 -4.87 -40.03 -19.16
C GLU B 220 -4.82 -39.88 -17.63
N GLY B 221 -3.70 -39.43 -17.09
CA GLY B 221 -3.56 -39.21 -15.64
C GLY B 221 -4.46 -38.08 -15.16
N LEU B 222 -4.47 -36.99 -15.92
CA LEU B 222 -5.31 -35.82 -15.62
C LEU B 222 -6.82 -36.12 -15.65
N ALA B 223 -7.22 -37.04 -16.53
CA ALA B 223 -8.66 -37.38 -16.76
C ALA B 223 -9.31 -38.17 -15.63
N LYS B 224 -8.52 -38.99 -14.96
CA LYS B 224 -8.98 -39.71 -13.78
C LYS B 224 -9.18 -38.79 -12.58
N LEU B 225 -8.60 -37.59 -12.59
CA LEU B 225 -8.64 -36.77 -11.38
C LEU B 225 -10.06 -36.31 -11.13
N LYS B 226 -10.43 -36.21 -9.86
CA LYS B 226 -11.79 -35.87 -9.47
C LYS B 226 -11.95 -34.36 -9.47
N THR B 227 -13.10 -33.88 -9.96
CA THR B 227 -13.40 -32.45 -9.98
C THR B 227 -13.44 -31.96 -8.54
N ALA B 228 -12.96 -30.74 -8.32
CA ALA B 228 -12.74 -30.25 -6.96
C ALA B 228 -13.73 -29.19 -6.46
N PHE B 229 -14.59 -28.68 -7.33
CA PHE B 229 -15.47 -27.58 -6.92
C PHE B 229 -16.96 -27.89 -7.09
N ASP B 230 -17.33 -29.14 -6.82
CA ASP B 230 -18.75 -29.50 -6.66
C ASP B 230 -18.96 -30.14 -5.29
N LEU B 243 -25.02 -19.90 -11.10
CA LEU B 243 -25.24 -18.58 -10.51
C LEU B 243 -26.36 -17.85 -11.23
N GLN B 244 -26.95 -16.89 -10.54
CA GLN B 244 -28.22 -16.26 -10.95
C GLN B 244 -28.06 -15.00 -11.79
N LYS B 245 -26.84 -14.45 -11.85
CA LYS B 245 -26.48 -13.39 -12.81
C LYS B 245 -26.47 -13.96 -14.24
N TYR B 246 -25.90 -15.17 -14.36
CA TYR B 246 -25.85 -15.90 -15.62
C TYR B 246 -26.96 -16.94 -15.66
N HIS B 247 -28.17 -16.45 -15.92
CA HIS B 247 -29.40 -17.23 -15.75
C HIS B 247 -29.72 -18.21 -16.87
N TRP B 248 -28.94 -18.15 -17.94
CA TRP B 248 -29.09 -19.09 -19.05
C TRP B 248 -28.23 -20.34 -18.85
N VAL B 249 -27.28 -20.27 -17.92
CA VAL B 249 -26.47 -21.43 -17.56
C VAL B 249 -27.34 -22.36 -16.68
N GLU B 250 -27.69 -23.53 -17.20
CA GLU B 250 -28.52 -24.47 -16.44
C GLU B 250 -27.72 -25.16 -15.36
N LYS B 251 -26.55 -25.65 -15.73
CA LYS B 251 -25.66 -26.36 -14.81
C LYS B 251 -24.22 -25.98 -15.13
N ILE B 252 -23.42 -25.82 -14.09
CA ILE B 252 -22.03 -25.50 -14.28
C ILE B 252 -21.31 -26.78 -14.69
N ASN B 253 -20.45 -26.66 -15.70
CA ASN B 253 -19.62 -27.78 -16.16
C ASN B 253 -18.33 -27.72 -15.38
N HIS B 254 -18.31 -28.41 -14.24
CA HIS B 254 -17.14 -28.44 -13.37
C HIS B 254 -16.03 -29.22 -14.03
N VAL B 255 -14.92 -28.55 -14.32
CA VAL B 255 -13.78 -29.17 -15.00
C VAL B 255 -12.46 -29.00 -14.28
N HIS B 256 -12.39 -28.15 -13.24
CA HIS B 256 -11.10 -27.95 -12.55
C HIS B 256 -10.85 -28.94 -11.44
N THR B 257 -9.58 -29.32 -11.31
CA THR B 257 -9.16 -30.39 -10.42
C THR B 257 -7.83 -30.01 -9.76
N GLY B 258 -7.28 -30.91 -8.95
CA GLY B 258 -5.94 -30.72 -8.41
C GLY B 258 -4.82 -30.66 -9.46
N GLY B 259 -5.15 -30.97 -10.71
CA GLY B 259 -4.14 -31.04 -11.77
C GLY B 259 -4.11 -29.88 -12.76
N ASN B 260 -5.25 -29.18 -12.87
CA ASN B 260 -5.37 -28.02 -13.75
C ASN B 260 -5.70 -26.76 -12.98
N SER B 261 -5.55 -26.82 -11.64
CA SER B 261 -5.53 -25.64 -10.76
C SER B 261 -4.16 -25.64 -10.08
N SER B 262 -3.62 -24.50 -9.70
CA SER B 262 -2.26 -24.49 -9.15
C SER B 262 -2.28 -24.69 -7.65
N GLY B 263 -1.50 -25.67 -7.19
CA GLY B 263 -1.29 -25.88 -5.76
C GLY B 263 -0.44 -24.76 -5.18
N ILE B 264 -0.73 -24.41 -3.93
CA ILE B 264 0.00 -23.38 -3.21
C ILE B 264 1.29 -23.97 -2.67
N VAL B 265 2.37 -23.22 -2.84
CA VAL B 265 3.74 -23.62 -2.47
C VAL B 265 4.46 -22.53 -1.65
N ASP B 266 5.45 -22.96 -0.84
CA ASP B 266 6.31 -22.04 -0.07
C ASP B 266 7.36 -21.44 -1.00
N GLY B 267 7.81 -20.23 -0.70
CA GLY B 267 8.86 -19.59 -1.48
C GLY B 267 8.87 -18.10 -1.28
N ALA B 268 9.94 -17.49 -1.76
CA ALA B 268 10.20 -16.10 -1.66
C ALA B 268 10.90 -15.68 -2.95
N ALA B 269 10.79 -14.39 -3.24
CA ALA B 269 11.36 -13.81 -4.42
C ALA B 269 11.49 -12.31 -4.15
N LEU B 270 12.54 -11.73 -4.70
CA LEU B 270 12.83 -10.32 -4.62
C LEU B 270 13.32 -9.83 -6.00
N VAL B 271 12.92 -8.61 -6.35
CA VAL B 271 13.37 -7.91 -7.52
C VAL B 271 14.07 -6.65 -7.01
N LEU B 272 15.28 -6.36 -7.49
CA LEU B 272 15.96 -5.09 -7.10
C LEU B 272 15.68 -4.05 -8.16
N VAL B 273 14.84 -3.07 -7.80
CA VAL B 273 14.44 -2.02 -8.71
C VAL B 273 15.11 -0.69 -8.33
N GLY B 274 15.57 0.06 -9.33
CA GLY B 274 16.18 1.36 -9.06
C GLY B 274 16.31 2.31 -10.24
N SER B 275 16.66 3.56 -9.95
CA SER B 275 16.94 4.55 -10.98
C SER B 275 18.23 4.26 -11.75
N GLU B 276 18.44 4.96 -12.84
CA GLU B 276 19.69 4.87 -13.60
C GLU B 276 20.87 5.36 -12.76
N LYS B 277 20.72 6.52 -12.15
CA LYS B 277 21.78 7.11 -11.34
C LYS B 277 22.17 6.25 -10.14
N ALA B 278 21.17 5.65 -9.48
CA ALA B 278 21.43 4.77 -8.35
C ALA B 278 22.23 3.52 -8.79
N GLY B 279 21.85 2.92 -9.91
CA GLY B 279 22.56 1.73 -10.40
C GLY B 279 23.94 1.98 -10.98
N LYS B 280 24.12 3.10 -11.67
CA LYS B 280 25.43 3.49 -12.18
C LYS B 280 26.33 3.99 -11.04
N SER B 281 25.72 4.59 -10.02
CA SER B 281 26.40 4.86 -8.74
C SER B 281 27.08 3.60 -8.22
N GLN B 282 26.30 2.54 -8.03
CA GLN B 282 26.79 1.31 -7.39
C GLN B 282 27.36 0.30 -8.37
N GLY B 283 27.61 0.75 -9.60
CA GLY B 283 28.18 -0.10 -10.63
C GLY B 283 27.35 -1.30 -11.01
N LEU B 284 26.02 -1.16 -10.96
CA LEU B 284 25.11 -2.26 -11.30
C LEU B 284 24.75 -2.13 -12.76
N THR B 285 24.55 -3.27 -13.43
CA THR B 285 24.13 -3.30 -14.81
C THR B 285 22.63 -3.50 -14.85
N PRO B 286 21.88 -2.55 -15.45
CA PRO B 286 20.43 -2.75 -15.58
C PRO B 286 20.12 -3.91 -16.53
N ARG B 287 19.18 -4.76 -16.15
CA ARG B 287 18.83 -5.93 -16.93
C ARG B 287 17.52 -5.76 -17.74
N ALA B 288 16.58 -4.98 -17.22
CA ALA B 288 15.38 -4.62 -17.96
C ALA B 288 14.86 -3.26 -17.49
N ARG B 289 14.10 -2.60 -18.36
CA ARG B 289 13.41 -1.37 -17.99
C ARG B 289 11.92 -1.66 -17.76
N ILE B 290 11.33 -1.05 -16.74
CA ILE B 290 9.88 -1.14 -16.55
C ILE B 290 9.23 -0.01 -17.37
N VAL B 291 8.66 -0.39 -18.51
CA VAL B 291 8.09 0.54 -19.47
C VAL B 291 6.82 1.21 -18.93
N ALA B 292 5.92 0.42 -18.37
CA ALA B 292 4.63 0.89 -17.88
C ALA B 292 4.14 -0.17 -16.90
N THR B 293 3.21 0.22 -16.05
CA THR B 293 2.47 -0.69 -15.19
C THR B 293 1.08 -0.09 -15.03
N ALA B 294 0.14 -0.90 -14.58
CA ALA B 294 -1.23 -0.47 -14.44
C ALA B 294 -2.02 -1.52 -13.68
N THR B 295 -3.12 -1.04 -13.11
CA THR B 295 -3.99 -1.82 -12.25
C THR B 295 -5.42 -1.68 -12.73
N SER B 296 -6.20 -2.73 -12.56
CA SER B 296 -7.62 -2.65 -12.83
C SER B 296 -8.41 -3.65 -12.01
N MET B 303 -14.77 -13.40 -10.21
CA MET B 303 -13.73 -12.40 -9.94
C MET B 303 -12.33 -12.88 -10.35
N LEU B 304 -12.24 -13.59 -11.47
CA LEU B 304 -10.95 -14.07 -11.94
C LEU B 304 -10.58 -13.43 -13.29
N THR B 305 -11.24 -12.33 -13.64
CA THR B 305 -11.12 -11.73 -14.97
C THR B 305 -10.25 -10.45 -14.99
N GLY B 306 -9.73 -10.05 -13.84
CA GLY B 306 -8.96 -8.81 -13.72
C GLY B 306 -7.73 -8.61 -14.62
N PRO B 307 -6.95 -9.67 -14.88
CA PRO B 307 -5.79 -9.46 -15.72
C PRO B 307 -6.08 -8.91 -17.11
N THR B 308 -7.26 -9.21 -17.67
CA THR B 308 -7.55 -8.83 -19.05
C THR B 308 -7.55 -7.30 -19.18
N PRO B 309 -8.43 -6.61 -18.43
CA PRO B 309 -8.44 -5.15 -18.60
C PRO B 309 -7.16 -4.44 -18.13
N ALA B 310 -6.51 -4.96 -17.09
CA ALA B 310 -5.26 -4.34 -16.65
C ALA B 310 -4.20 -4.45 -17.76
N THR B 311 -4.24 -5.54 -18.51
CA THR B 311 -3.33 -5.74 -19.66
C THR B 311 -3.64 -4.76 -20.78
N ARG B 312 -4.92 -4.62 -21.14
CA ARG B 312 -5.33 -3.63 -22.13
C ARG B 312 -4.85 -2.23 -21.72
N LYS B 313 -4.97 -1.93 -20.44
CA LYS B 313 -4.63 -0.59 -19.94
C LYS B 313 -3.13 -0.35 -19.95
N VAL B 314 -2.34 -1.34 -19.52
CA VAL B 314 -0.91 -1.14 -19.54
C VAL B 314 -0.41 -0.97 -20.99
N LEU B 315 -0.98 -1.75 -21.91
CA LEU B 315 -0.65 -1.61 -23.32
C LEU B 315 -0.92 -0.21 -23.83
N ASP B 316 -2.06 0.34 -23.41
CA ASP B 316 -2.47 1.71 -23.75
C ASP B 316 -1.49 2.77 -23.30
N ARG B 317 -1.14 2.71 -22.02
CA ARG B 317 -0.20 3.64 -21.40
C ARG B 317 1.16 3.65 -22.08
N ALA B 318 1.59 2.48 -22.56
CA ALA B 318 2.91 2.33 -23.19
C ALA B 318 2.90 2.66 -24.70
N GLY B 319 1.71 2.91 -25.26
CA GLY B 319 1.55 3.09 -26.70
C GLY B 319 1.83 1.83 -27.52
N LEU B 320 1.48 0.67 -26.95
CA LEU B 320 1.78 -0.64 -27.55
C LEU B 320 0.53 -1.46 -27.86
N THR B 321 0.69 -2.47 -28.73
CA THR B 321 -0.37 -3.44 -28.98
C THR B 321 0.17 -4.81 -28.63
N ILE B 322 -0.71 -5.79 -28.76
CA ILE B 322 -0.39 -7.18 -28.53
C ILE B 322 0.78 -7.65 -29.41
N ASP B 323 0.79 -7.25 -30.68
CA ASP B 323 1.86 -7.62 -31.62
C ASP B 323 3.24 -7.14 -31.20
N ASP B 324 3.29 -6.09 -30.39
CA ASP B 324 4.54 -5.52 -29.91
C ASP B 324 5.21 -6.26 -28.74
N ILE B 325 4.50 -7.21 -28.14
CA ILE B 325 4.99 -7.95 -26.99
C ILE B 325 5.50 -9.32 -27.45
N ASP B 326 6.74 -9.64 -27.10
CA ASP B 326 7.33 -10.94 -27.44
C ASP B 326 6.86 -12.08 -26.51
N LEU B 327 6.69 -11.80 -25.23
CA LEU B 327 6.31 -12.85 -24.26
C LEU B 327 5.22 -12.39 -23.32
N PHE B 328 4.21 -13.24 -23.12
CA PHE B 328 3.11 -12.94 -22.18
C PHE B 328 3.20 -13.88 -21.01
N GLU B 329 3.16 -13.34 -19.79
CA GLU B 329 3.31 -14.16 -18.59
C GLU B 329 2.18 -13.85 -17.68
N LEU B 330 1.34 -14.86 -17.44
CA LEU B 330 0.13 -14.71 -16.64
C LEU B 330 0.12 -15.80 -15.60
N ASN B 331 0.03 -15.43 -14.34
CA ASN B 331 -0.01 -16.44 -13.30
C ASN B 331 -1.13 -17.44 -13.58
N GLU B 332 -0.81 -18.71 -13.41
CA GLU B 332 -1.72 -19.82 -13.73
C GLU B 332 -2.44 -20.26 -12.47
N ALA B 333 -3.43 -19.50 -12.02
CA ALA B 333 -4.21 -19.92 -10.86
C ALA B 333 -5.10 -21.08 -11.24
N PHE B 334 -5.83 -20.93 -12.34
CA PHE B 334 -6.67 -22.00 -12.90
C PHE B 334 -6.56 -21.96 -14.40
N ALA B 335 -6.49 -23.14 -15.03
CA ALA B 335 -6.37 -23.27 -16.48
C ALA B 335 -7.43 -22.45 -17.26
N SER B 336 -8.70 -22.49 -16.85
CA SER B 336 -9.74 -21.74 -17.63
C SER B 336 -9.50 -20.25 -17.66
N VAL B 337 -8.90 -19.72 -16.59
CA VAL B 337 -8.66 -18.27 -16.50
C VAL B 337 -7.59 -17.85 -17.51
N VAL B 338 -6.51 -18.62 -17.59
CA VAL B 338 -5.49 -18.42 -18.62
C VAL B 338 -6.05 -18.61 -20.02
N LEU B 339 -6.88 -19.63 -20.22
CA LEU B 339 -7.46 -19.84 -21.55
C LEU B 339 -8.37 -18.67 -21.93
N LYS B 340 -9.14 -18.14 -20.96
CA LYS B 340 -9.99 -16.99 -21.23
C LYS B 340 -9.19 -15.74 -21.59
N PHE B 341 -8.12 -15.49 -20.84
CA PHE B 341 -7.20 -14.39 -21.15
C PHE B 341 -6.64 -14.55 -22.58
N GLN B 342 -6.13 -15.72 -22.92
CA GLN B 342 -5.67 -16.01 -24.28
C GLN B 342 -6.77 -15.80 -25.32
N LYS B 343 -7.96 -16.32 -25.06
CA LYS B 343 -9.10 -16.13 -25.95
C LYS B 343 -9.52 -14.66 -26.09
N ASP B 344 -9.48 -13.91 -24.98
CA ASP B 344 -9.91 -12.51 -24.97
C ASP B 344 -9.03 -11.59 -25.82
N LEU B 345 -7.72 -11.82 -25.78
CA LEU B 345 -6.77 -10.90 -26.36
C LEU B 345 -6.04 -11.48 -27.58
N ASN B 346 -6.45 -12.64 -28.05
CA ASN B 346 -5.85 -13.25 -29.25
C ASN B 346 -4.35 -13.49 -29.06
N ILE B 347 -3.97 -13.98 -27.90
CA ILE B 347 -2.58 -14.22 -27.56
C ILE B 347 -2.08 -15.52 -28.16
N PRO B 348 -1.03 -15.44 -29.00
CA PRO B 348 -0.45 -16.63 -29.60
C PRO B 348 0.07 -17.61 -28.58
N ASP B 349 -0.28 -18.87 -28.80
CA ASP B 349 0.15 -19.94 -27.93
C ASP B 349 1.64 -19.98 -27.65
N GLU B 350 2.44 -19.71 -28.68
CA GLU B 350 3.89 -19.82 -28.54
C GLU B 350 4.47 -18.68 -27.68
N LYS B 351 3.64 -17.69 -27.34
CA LYS B 351 4.08 -16.55 -26.50
C LYS B 351 3.60 -16.59 -25.05
N LEU B 352 2.74 -17.54 -24.71
CA LEU B 352 2.08 -17.58 -23.38
C LEU B 352 2.77 -18.53 -22.43
N ASN B 353 3.18 -18.02 -21.27
CA ASN B 353 3.74 -18.86 -20.21
C ASN B 353 4.75 -19.91 -20.71
N VAL B 354 5.75 -19.40 -21.41
CA VAL B 354 6.63 -20.16 -22.25
C VAL B 354 7.57 -21.11 -21.47
N ASN B 355 7.86 -20.78 -20.21
CA ASN B 355 8.68 -21.65 -19.36
C ASN B 355 7.83 -22.38 -18.31
N GLY B 356 6.52 -22.48 -18.52
CA GLY B 356 5.65 -23.11 -17.53
C GLY B 356 5.15 -22.09 -16.52
N GLY B 357 4.24 -22.55 -15.67
CA GLY B 357 3.64 -21.69 -14.69
C GLY B 357 3.19 -22.45 -13.47
N ALA B 358 2.33 -21.81 -12.70
CA ALA B 358 2.07 -22.25 -11.34
C ALA B 358 1.39 -23.63 -11.27
N ILE B 359 0.76 -24.08 -12.35
CA ILE B 359 0.19 -25.45 -12.36
C ILE B 359 1.31 -26.47 -12.16
N ALA B 360 2.41 -26.23 -12.84
CA ALA B 360 3.58 -27.08 -12.69
C ALA B 360 4.33 -26.75 -11.39
N MET B 361 4.82 -25.53 -11.31
CA MET B 361 5.83 -25.18 -10.29
C MET B 361 5.25 -24.73 -8.96
N GLY B 362 3.94 -24.41 -8.94
CA GLY B 362 3.26 -24.00 -7.72
C GLY B 362 2.97 -22.49 -7.71
N HIS B 363 1.91 -22.14 -6.98
CA HIS B 363 1.43 -20.76 -6.79
C HIS B 363 1.95 -20.27 -5.43
N PRO B 364 2.97 -19.41 -5.44
CA PRO B 364 3.56 -18.97 -4.17
C PRO B 364 2.92 -17.69 -3.62
N LEU B 365 1.62 -17.50 -3.90
CA LEU B 365 0.83 -16.40 -3.32
C LEU B 365 1.62 -15.10 -3.34
N GLY B 366 2.03 -14.58 -2.19
CA GLY B 366 2.70 -13.30 -2.14
C GLY B 366 3.95 -13.17 -2.98
N ALA B 367 4.70 -14.25 -3.14
CA ALA B 367 5.95 -14.22 -3.92
C ALA B 367 5.73 -14.23 -5.45
N THR B 368 4.48 -14.43 -5.88
CA THR B 368 4.20 -14.72 -7.29
C THR B 368 4.72 -13.64 -8.23
N GLY B 369 4.43 -12.38 -7.91
CA GLY B 369 4.75 -11.30 -8.82
C GLY B 369 6.24 -11.16 -9.14
N ALA B 370 7.07 -11.27 -8.12
CA ALA B 370 8.54 -11.23 -8.28
C ALA B 370 9.10 -12.46 -8.98
N MET B 371 8.46 -13.61 -8.76
CA MET B 371 8.90 -14.84 -9.41
C MET B 371 8.66 -14.81 -10.90
N ILE B 372 7.45 -14.47 -11.31
CA ILE B 372 7.11 -14.46 -12.75
C ILE B 372 7.72 -13.30 -13.51
N THR B 373 8.03 -12.22 -12.80
CA THR B 373 8.80 -11.12 -13.35
C THR B 373 10.23 -11.49 -13.65
N GLY B 374 10.85 -12.19 -12.70
CA GLY B 374 12.22 -12.62 -12.87
C GLY B 374 12.27 -13.67 -13.96
N THR B 375 11.29 -14.56 -13.99
CA THR B 375 11.21 -15.56 -15.08
C THR B 375 11.24 -14.90 -16.47
N MET B 376 10.49 -13.82 -16.63
CA MET B 376 10.55 -13.02 -17.86
C MET B 376 11.81 -12.19 -18.10
N VAL B 377 12.35 -11.55 -17.06
CA VAL B 377 13.64 -10.88 -17.18
C VAL B 377 14.67 -11.89 -17.74
N ASP B 378 14.70 -13.09 -17.19
CA ASP B 378 15.68 -14.08 -17.63
C ASP B 378 15.37 -14.52 -19.03
N GLU B 379 14.09 -14.69 -19.36
CA GLU B 379 13.73 -15.35 -20.62
C GLU B 379 13.83 -14.39 -21.81
N LEU B 380 13.60 -13.11 -21.56
CA LEU B 380 13.90 -12.09 -22.54
C LEU B 380 15.37 -12.16 -22.90
N GLU B 381 16.27 -12.33 -21.92
CA GLU B 381 17.73 -12.43 -22.18
C GLU B 381 18.14 -13.69 -22.94
N ARG B 382 17.59 -14.84 -22.56
CA ARG B 382 17.95 -16.09 -23.23
C ARG B 382 17.47 -16.05 -24.68
N ARG B 383 16.35 -15.40 -24.93
CA ARG B 383 15.82 -15.28 -26.29
C ARG B 383 16.43 -14.12 -27.07
N ASN B 384 17.05 -13.17 -26.37
CA ASN B 384 17.42 -11.91 -27.00
C ASN B 384 16.20 -11.17 -27.52
N ALA B 385 15.08 -11.29 -26.79
CA ALA B 385 13.83 -10.67 -27.18
C ALA B 385 13.69 -9.31 -26.48
N ARG B 386 12.65 -8.57 -26.83
CA ARG B 386 12.60 -7.17 -26.45
C ARG B 386 11.62 -6.88 -25.30
N ARG B 387 10.37 -7.31 -25.41
CA ARG B 387 9.34 -6.95 -24.42
C ARG B 387 8.52 -8.14 -23.85
N ALA B 388 8.16 -8.05 -22.57
CA ALA B 388 7.32 -9.04 -21.91
C ALA B 388 6.24 -8.32 -21.17
N LEU B 389 5.08 -8.93 -21.08
CA LEU B 389 4.00 -8.42 -20.30
C LEU B 389 3.70 -9.43 -19.22
N ILE B 390 3.74 -8.95 -17.97
CA ILE B 390 3.61 -9.80 -16.80
C ILE B 390 2.36 -9.37 -16.09
N THR B 391 1.48 -10.33 -15.80
CA THR B 391 0.18 -10.00 -15.23
C THR B 391 -0.32 -11.11 -14.25
N LEU B 392 -1.04 -10.66 -13.21
CA LEU B 392 -1.66 -11.53 -12.22
C LEU B 392 -2.79 -10.81 -11.43
N CYS B 393 -3.55 -11.58 -10.67
CA CYS B 393 -4.58 -11.05 -9.76
C CYS B 393 -4.00 -10.46 -8.44
N ILE B 394 -4.52 -9.31 -8.02
CA ILE B 394 -3.98 -8.58 -6.84
C ILE B 394 -4.46 -9.02 -5.43
N GLY B 395 -5.76 -9.36 -5.27
CA GLY B 395 -6.70 -9.36 -6.39
C GLY B 395 -8.17 -9.58 -6.13
N GLY B 396 -8.72 -8.89 -5.13
CA GLY B 396 -10.18 -8.92 -4.88
C GLY B 396 -11.07 -8.57 -6.07
N GLY B 397 -10.81 -9.19 -7.22
CA GLY B 397 -11.43 -8.82 -8.50
C GLY B 397 -10.49 -8.01 -9.39
N MET B 398 -9.32 -7.68 -8.85
CA MET B 398 -8.41 -6.67 -9.41
C MET B 398 -7.13 -7.28 -9.97
N GLY B 399 -6.72 -6.77 -11.12
CA GLY B 399 -5.54 -7.24 -11.78
C GLY B 399 -4.49 -6.17 -11.94
N VAL B 400 -3.28 -6.63 -12.18
CA VAL B 400 -2.12 -5.81 -12.39
C VAL B 400 -1.37 -6.38 -13.59
N ALA B 401 -0.87 -5.49 -14.44
CA ALA B 401 -0.09 -5.87 -15.60
C ALA B 401 1.08 -4.88 -15.75
N THR B 402 2.23 -5.42 -16.10
CA THR B 402 3.47 -4.64 -16.16
C THR B 402 4.21 -5.03 -17.40
N ILE B 403 4.61 -4.02 -18.20
CA ILE B 403 5.40 -4.30 -19.39
C ILE B 403 6.87 -3.97 -19.08
N ILE B 404 7.76 -4.95 -19.30
CA ILE B 404 9.20 -4.74 -19.17
C ILE B 404 9.89 -4.79 -20.53
N GLU B 405 11.05 -4.11 -20.62
CA GLU B 405 11.85 -4.04 -21.85
C GLU B 405 13.28 -4.45 -21.56
N ARG B 406 13.86 -5.34 -22.36
CA ARG B 406 15.22 -5.80 -22.08
C ARG B 406 16.23 -4.64 -22.17
CL CL C . 0.69 -23.05 -23.23
#